data_6VTM
#
_entry.id   6VTM
#
_cell.length_a   59.229
_cell.length_b   72.902
_cell.length_c   88.906
_cell.angle_alpha   113.58
_cell.angle_beta   91.17
_cell.angle_gamma   106.24
#
_symmetry.space_group_name_H-M   'P 1'
#
loop_
_entity.id
_entity.type
_entity.pdbx_description
1 polymer 'Cathepsin G'
2 polymer 'MAP domain-containing protein'
3 non-polymer 'SULFATE ION'
4 water water
#
loop_
_entity_poly.entity_id
_entity_poly.type
_entity_poly.pdbx_seq_one_letter_code
_entity_poly.pdbx_strand_id
1 'polypeptide(L)'
;IIGGRESRPHSRPYMAYLQIQSPAGQSRCGGFLVREDFVLTAAHCWGSNINVTLGAHNIQRRENTQQHITARRAIRHPQY
NQRTIQNDIMLLQLSRRVRRNRNVNPVALPRAQEGLRPGTLCTVAGWGRVSMRRGTDTLREVQLRVQRDRQCLRIFGSYD
PRRQICVGDRRERKAAFKGDSGGPLLCNNVAHGIVSYGKSSGVPPEVFTRVSSFLPWIRTTMRS
;
A,C,D,G
2 'polypeptide(L)'
;GKHTVPYTISVDGITALHRTYFVFPENKKVLYQEIDSKVKNELASQRGVTTEKINNAQTATYTLTLNDGNKKVVNLKKND
DAKNSIDPSTIKQIQIVVK
;
B,E,F,H
#
# COMPACT_ATOMS: atom_id res chain seq x y z
N ILE A 1 -22.51 4.24 -21.14
CA ILE A 1 -22.75 4.32 -22.58
C ILE A 1 -24.19 3.94 -22.89
N ILE A 2 -24.91 4.82 -23.57
CA ILE A 2 -26.28 4.56 -24.00
C ILE A 2 -26.26 3.98 -25.41
N GLY A 3 -26.96 2.88 -25.62
CA GLY A 3 -27.17 2.39 -26.97
C GLY A 3 -26.01 1.66 -27.59
N GLY A 4 -25.03 1.22 -26.81
CA GLY A 4 -23.85 0.59 -27.35
C GLY A 4 -23.86 -0.90 -27.16
N ARG A 5 -22.68 -1.48 -27.24
CA ARG A 5 -22.52 -2.92 -27.05
C ARG A 5 -21.32 -3.17 -26.17
N GLU A 6 -21.26 -4.37 -25.60
CA GLU A 6 -20.11 -4.73 -24.79
C GLU A 6 -18.88 -4.75 -25.68
N SER A 7 -17.80 -4.14 -25.19
CA SER A 7 -16.53 -4.21 -25.89
C SER A 7 -15.95 -5.62 -25.79
N ARG A 8 -15.23 -6.02 -26.83
CA ARG A 8 -14.39 -7.21 -26.73
C ARG A 8 -13.35 -7.00 -25.63
N PRO A 9 -13.26 -7.91 -24.67
CA PRO A 9 -12.35 -7.69 -23.54
C PRO A 9 -10.95 -7.34 -24.01
N HIS A 10 -10.40 -6.25 -23.46
CA HIS A 10 -9.03 -5.80 -23.63
C HIS A 10 -8.74 -5.33 -25.05
N SER A 11 -9.79 -5.06 -25.82
CA SER A 11 -9.61 -4.49 -27.15
C SER A 11 -9.28 -3.01 -27.11
N ARG A 12 -9.49 -2.34 -25.97
CA ARG A 12 -9.22 -0.91 -25.83
C ARG A 12 -8.29 -0.75 -24.63
N PRO A 13 -7.02 -1.17 -24.79
CA PRO A 13 -6.11 -1.28 -23.65
C PRO A 13 -5.69 0.04 -23.02
N TYR A 14 -6.05 1.17 -23.60
CA TYR A 14 -5.77 2.49 -23.10
C TYR A 14 -6.83 2.95 -22.12
N MET A 15 -7.94 2.24 -22.02
CA MET A 15 -9.04 2.72 -21.19
C MET A 15 -8.69 2.65 -19.71
N ALA A 16 -9.04 3.70 -18.98
CA ALA A 16 -8.85 3.77 -17.55
C ALA A 16 -10.18 4.03 -16.86
N TYR A 17 -10.36 3.39 -15.71
CA TYR A 17 -11.48 3.60 -14.80
C TYR A 17 -10.98 4.36 -13.57
N LEU A 18 -11.63 5.48 -13.27
CA LEU A 18 -11.19 6.39 -12.21
C LEU A 18 -12.17 6.38 -11.06
N GLN A 19 -11.63 6.26 -9.86
CA GLN A 19 -12.39 6.39 -8.61
C GLN A 19 -11.85 7.59 -7.85
N ILE A 20 -12.74 8.53 -7.54
CA ILE A 20 -12.36 9.86 -7.09
C ILE A 20 -13.01 10.16 -5.75
N GLN A 21 -12.23 10.63 -4.79
CA GLN A 21 -12.78 11.02 -3.48
C GLN A 21 -13.22 12.48 -3.50
N SER A 22 -14.41 12.75 -2.98
CA SER A 22 -14.91 14.09 -2.80
C SER A 22 -15.29 14.35 -1.33
N PRO A 23 -15.63 15.59 -0.97
CA PRO A 23 -15.83 15.89 0.46
C PRO A 23 -17.01 15.18 1.10
N ALA A 24 -18.05 14.84 0.32
CA ALA A 24 -19.29 14.28 0.83
C ALA A 24 -19.68 13.01 0.08
N GLY A 25 -18.74 12.40 -0.63
CA GLY A 25 -19.02 11.17 -1.34
C GLY A 25 -17.89 10.88 -2.31
N GLN A 26 -18.26 10.32 -3.45
CA GLN A 26 -17.24 9.92 -4.41
C GLN A 26 -17.76 10.12 -5.81
N SER A 27 -16.84 10.08 -6.77
CA SER A 27 -17.25 10.13 -8.17
C SER A 27 -16.53 9.04 -8.94
N ARG A 28 -17.16 8.82 -10.16
CA ARG A 28 -16.55 7.84 -11.04
C ARG A 28 -16.40 8.42 -12.42
N CYS A 29 -15.32 8.23 -13.17
CA CYS A 29 -15.04 8.81 -14.47
C CYS A 29 -14.31 7.75 -15.28
N GLY A 30 -14.21 8.01 -16.57
CA GLY A 30 -13.25 7.34 -17.42
C GLY A 30 -12.00 8.17 -17.63
N GLY A 31 -11.11 7.61 -18.43
CA GLY A 31 -9.87 8.26 -18.77
C GLY A 31 -9.17 7.39 -19.77
N PHE A 32 -8.01 7.85 -20.25
CA PHE A 32 -7.26 7.02 -21.19
C PHE A 32 -5.76 7.28 -21.10
N LEU A 33 -4.99 6.19 -21.19
CA LEU A 33 -3.54 6.24 -21.06
C LEU A 33 -2.93 6.87 -22.29
N VAL A 34 -2.06 7.86 -22.10
CA VAL A 34 -1.42 8.54 -23.23
C VAL A 34 0.09 8.38 -23.21
N ARG A 35 0.65 7.90 -22.11
CA ARG A 35 2.05 7.57 -21.93
C ARG A 35 2.09 6.59 -20.77
N GLU A 36 3.21 5.89 -20.62
CA GLU A 36 3.25 4.84 -19.59
C GLU A 36 3.01 5.40 -18.19
N ASP A 37 3.13 6.72 -18.01
CA ASP A 37 3.04 7.37 -16.72
C ASP A 37 1.93 8.42 -16.64
N PHE A 38 1.09 8.56 -17.68
CA PHE A 38 0.09 9.64 -17.74
C PHE A 38 -1.24 9.15 -18.32
N VAL A 39 -2.31 9.58 -17.67
CA VAL A 39 -3.68 9.36 -18.12
C VAL A 39 -4.31 10.73 -18.36
N LEU A 40 -5.05 10.84 -19.46
CA LEU A 40 -5.84 12.02 -19.77
C LEU A 40 -7.28 11.77 -19.37
N THR A 41 -7.93 12.82 -18.86
CA THR A 41 -9.33 12.73 -18.43
C THR A 41 -9.91 14.15 -18.45
N ALA A 42 -11.09 14.31 -17.85
CA ALA A 42 -11.75 15.61 -17.76
C ALA A 42 -11.42 16.29 -16.44
N ALA A 43 -11.27 17.63 -16.50
CA ALA A 43 -10.96 18.40 -15.29
C ALA A 43 -12.08 18.36 -14.25
N HIS A 44 -13.33 18.19 -14.69
CA HIS A 44 -14.41 18.11 -13.71
C HIS A 44 -14.35 16.81 -12.89
N CYS A 45 -13.44 15.89 -13.21
CA CYS A 45 -13.20 14.65 -12.47
C CYS A 45 -12.14 14.78 -11.38
N TRP A 46 -11.72 16.00 -11.06
CA TRP A 46 -10.72 16.20 -10.04
C TRP A 46 -11.27 15.86 -8.67
N GLY A 47 -10.39 15.30 -7.84
CA GLY A 47 -10.74 15.08 -6.45
C GLY A 47 -9.49 14.84 -5.63
N SER A 48 -9.76 14.56 -4.36
CA SER A 48 -8.87 14.60 -3.19
C SER A 48 -8.38 13.22 -2.83
N ASN A 49 -8.00 12.46 -3.86
CA ASN A 49 -7.45 11.11 -3.90
C ASN A 49 -8.05 10.57 -5.21
N ILE A 50 -7.25 10.15 -6.20
CA ILE A 50 -7.76 9.50 -7.41
C ILE A 50 -7.05 8.18 -7.62
N ASN A 51 -7.81 7.11 -7.78
CA ASN A 51 -7.30 5.78 -8.12
C ASN A 51 -7.64 5.40 -9.56
N VAL A 52 -6.64 4.87 -10.27
CA VAL A 52 -6.74 4.54 -11.68
C VAL A 52 -6.68 3.04 -11.84
N THR A 53 -7.67 2.44 -12.49
CA THR A 53 -7.61 1.03 -12.85
C THR A 53 -7.41 0.89 -14.34
N LEU A 54 -6.30 0.28 -14.74
CA LEU A 54 -6.01 -0.08 -16.12
C LEU A 54 -6.11 -1.58 -16.30
N GLY A 55 -6.28 -2.01 -17.54
CA GLY A 55 -6.32 -3.42 -17.83
C GLY A 55 -7.62 -4.09 -17.55
N ALA A 56 -8.68 -3.34 -17.32
CA ALA A 56 -9.93 -3.93 -16.89
C ALA A 56 -10.88 -4.17 -18.05
N HIS A 57 -11.71 -5.19 -17.87
CA HIS A 57 -12.95 -5.32 -18.61
C HIS A 57 -14.16 -5.28 -17.66
N ASN A 58 -14.28 -6.25 -16.76
CA ASN A 58 -15.29 -6.20 -15.73
C ASN A 58 -14.65 -5.55 -14.51
N ILE A 59 -15.01 -4.30 -14.24
CA ILE A 59 -14.44 -3.53 -13.14
C ILE A 59 -14.95 -4.01 -11.78
N GLN A 60 -16.02 -4.79 -11.75
CA GLN A 60 -16.48 -5.33 -10.49
C GLN A 60 -15.85 -6.68 -10.15
N ARG A 61 -15.06 -7.26 -11.05
CA ARG A 61 -14.37 -8.51 -10.76
C ARG A 61 -12.90 -8.28 -10.54
N ARG A 62 -12.26 -9.22 -9.83
CA ARG A 62 -10.82 -9.17 -9.59
C ARG A 62 -10.13 -9.92 -10.72
N GLU A 63 -9.76 -9.18 -11.77
CA GLU A 63 -9.13 -9.74 -12.95
C GLU A 63 -7.62 -9.60 -12.83
N ASN A 64 -6.89 -10.64 -13.24
CA ASN A 64 -5.43 -10.57 -13.06
C ASN A 64 -4.76 -9.65 -14.07
N THR A 65 -5.48 -9.19 -15.09
CA THR A 65 -4.94 -8.20 -16.01
C THR A 65 -5.03 -6.78 -15.45
N GLN A 66 -5.80 -6.57 -14.39
CA GLN A 66 -5.96 -5.22 -13.85
C GLN A 66 -4.69 -4.72 -13.18
N GLN A 67 -4.41 -3.44 -13.36
CA GLN A 67 -3.36 -2.72 -12.67
C GLN A 67 -4.00 -1.54 -11.97
N HIS A 68 -3.81 -1.44 -10.65
CA HIS A 68 -4.39 -0.38 -9.84
C HIS A 68 -3.29 0.58 -9.39
N ILE A 69 -3.38 1.82 -9.83
CA ILE A 69 -2.33 2.80 -9.61
C ILE A 69 -2.95 4.09 -9.10
N THR A 70 -2.39 4.65 -8.03
CA THR A 70 -2.84 5.94 -7.55
C THR A 70 -2.26 7.04 -8.42
N ALA A 71 -3.04 8.08 -8.62
CA ALA A 71 -2.53 9.27 -9.28
C ALA A 71 -1.60 10.01 -8.33
N ARG A 72 -0.38 10.25 -8.76
CA ARG A 72 0.58 11.00 -7.94
C ARG A 72 0.19 12.45 -7.91
N ARG A 73 -0.28 12.96 -9.03
CA ARG A 73 -0.41 14.37 -9.29
C ARG A 73 -1.52 14.49 -10.30
N ALA A 74 -2.42 15.44 -10.08
CA ALA A 74 -3.60 15.64 -10.90
C ALA A 74 -3.53 17.08 -11.37
N ILE A 75 -3.40 17.28 -12.67
CA ILE A 75 -3.10 18.60 -13.19
C ILE A 75 -4.26 19.01 -14.08
N ARG A 76 -5.17 19.82 -13.53
CA ARG A 76 -6.22 20.43 -14.32
C ARG A 76 -5.66 21.54 -15.20
N HIS A 77 -6.27 21.71 -16.36
CA HIS A 77 -5.93 22.82 -17.20
C HIS A 77 -6.06 24.14 -16.44
N PRO A 78 -5.07 25.03 -16.53
CA PRO A 78 -5.16 26.27 -15.72
C PRO A 78 -6.34 27.17 -16.05
N GLN A 79 -6.91 27.10 -17.26
CA GLN A 79 -8.04 27.91 -17.63
C GLN A 79 -9.36 27.14 -17.53
N TYR A 80 -9.37 25.98 -16.88
CA TYR A 80 -10.62 25.26 -16.66
C TYR A 80 -11.64 26.20 -16.02
N ASN A 81 -12.84 26.22 -16.58
CA ASN A 81 -13.94 27.05 -16.09
C ASN A 81 -15.09 26.12 -15.70
N GLN A 82 -15.25 25.92 -14.39
CA GLN A 82 -16.29 25.01 -13.89
C GLN A 82 -17.68 25.48 -14.22
N ARG A 83 -17.89 26.78 -14.44
CA ARG A 83 -19.25 27.27 -14.66
C ARG A 83 -19.76 26.87 -16.03
N THR A 84 -18.95 27.10 -17.07
CA THR A 84 -19.29 26.80 -18.45
C THR A 84 -18.77 25.46 -18.91
N ILE A 85 -17.92 24.82 -18.10
CA ILE A 85 -17.23 23.58 -18.41
C ILE A 85 -16.45 23.81 -19.69
N GLN A 86 -15.62 24.85 -19.68
CA GLN A 86 -14.67 25.09 -20.74
C GLN A 86 -13.27 24.65 -20.33
N ASN A 87 -12.44 24.32 -21.31
CA ASN A 87 -11.10 23.81 -21.06
C ASN A 87 -11.11 22.65 -20.06
N ASP A 88 -12.02 21.69 -20.32
CA ASP A 88 -12.28 20.55 -19.43
C ASP A 88 -11.32 19.41 -19.80
N ILE A 89 -10.10 19.52 -19.29
CA ILE A 89 -9.06 18.52 -19.57
C ILE A 89 -8.10 18.50 -18.38
N MET A 90 -7.66 17.30 -18.04
CA MET A 90 -6.78 17.10 -16.90
C MET A 90 -5.82 15.95 -17.17
N LEU A 91 -4.57 16.10 -16.76
CA LEU A 91 -3.59 15.02 -16.81
C LEU A 91 -3.40 14.45 -15.42
N LEU A 92 -3.42 13.12 -15.33
CA LEU A 92 -3.04 12.40 -14.12
C LEU A 92 -1.66 11.80 -14.31
N GLN A 93 -0.71 12.23 -13.49
CA GLN A 93 0.57 11.54 -13.41
C GLN A 93 0.44 10.33 -12.52
N LEU A 94 0.77 9.16 -13.04
CA LEU A 94 0.65 7.93 -12.27
C LEU A 94 1.79 7.79 -11.28
N SER A 95 1.48 7.19 -10.12
CA SER A 95 2.50 7.03 -9.08
C SER A 95 3.62 6.12 -9.55
N ARG A 96 3.30 5.14 -10.40
CA ARG A 96 4.28 4.28 -11.06
C ARG A 96 3.87 4.10 -12.50
N ARG A 97 4.86 3.91 -13.37
CA ARG A 97 4.60 3.57 -14.76
C ARG A 97 3.91 2.21 -14.85
N VAL A 98 3.06 2.07 -15.87
CA VAL A 98 2.34 0.82 -16.06
C VAL A 98 3.32 -0.28 -16.50
N ARG A 99 2.92 -1.53 -16.23
CA ARG A 99 3.45 -2.69 -16.96
C ARG A 99 2.78 -2.73 -18.33
N ARG A 100 3.49 -2.28 -19.36
CA ARG A 100 2.93 -2.31 -20.72
C ARG A 100 2.83 -3.75 -21.21
N ASN A 101 1.68 -4.12 -21.75
CA ASN A 101 1.46 -5.45 -22.28
C ASN A 101 0.22 -5.40 -23.17
N ARG A 102 -0.26 -6.57 -23.62
CA ARG A 102 -1.37 -6.58 -24.56
C ARG A 102 -2.63 -5.95 -23.96
N ASN A 103 -2.71 -5.86 -22.63
CA ASN A 103 -3.92 -5.40 -21.97
C ASN A 103 -3.83 -3.96 -21.49
N VAL A 104 -2.64 -3.37 -21.49
CA VAL A 104 -2.43 -2.02 -20.99
C VAL A 104 -1.44 -1.35 -21.93
N ASN A 105 -1.91 -0.38 -22.72
CA ASN A 105 -1.03 0.29 -23.68
C ASN A 105 -1.63 1.65 -24.00
N PRO A 106 -0.81 2.63 -24.34
CA PRO A 106 -1.32 3.99 -24.59
C PRO A 106 -1.99 4.12 -25.94
N VAL A 107 -2.82 5.16 -26.04
CA VAL A 107 -3.52 5.47 -27.29
C VAL A 107 -2.88 6.68 -27.92
N ALA A 108 -2.92 6.73 -29.26
CA ALA A 108 -2.32 7.84 -30.01
C ALA A 108 -3.14 9.10 -29.87
N LEU A 109 -2.45 10.23 -29.75
CA LEU A 109 -3.07 11.53 -29.77
C LEU A 109 -3.04 12.14 -31.17
N PRO A 110 -3.88 13.12 -31.44
CA PRO A 110 -3.86 13.79 -32.74
C PRO A 110 -2.63 14.66 -32.87
N ARG A 111 -2.39 15.09 -34.11
CA ARG A 111 -1.40 16.10 -34.38
C ARG A 111 -1.88 17.46 -33.91
N ALA A 112 -0.92 18.34 -33.63
CA ALA A 112 -1.23 19.71 -33.24
C ALA A 112 -2.24 20.35 -34.19
N GLN A 113 -3.36 20.83 -33.62
CA GLN A 113 -4.41 21.57 -34.34
C GLN A 113 -5.15 20.73 -35.38
N GLU A 114 -5.03 19.41 -35.30
CA GLU A 114 -5.74 18.52 -36.20
C GLU A 114 -7.24 18.70 -36.06
N GLY A 115 -7.93 18.78 -37.21
CA GLY A 115 -9.37 18.94 -37.24
C GLY A 115 -10.09 17.62 -37.21
N LEU A 116 -11.43 17.71 -37.18
CA LEU A 116 -12.29 16.52 -37.19
C LEU A 116 -13.59 16.93 -37.87
N ARG A 117 -13.79 16.48 -39.10
CA ARG A 117 -14.87 17.00 -39.94
C ARG A 117 -16.24 16.56 -39.42
N PRO A 118 -17.23 17.45 -39.40
CA PRO A 118 -18.63 16.99 -39.27
C PRO A 118 -18.91 15.82 -40.21
N GLY A 119 -19.65 14.86 -39.69
CA GLY A 119 -19.97 13.66 -40.43
C GLY A 119 -19.05 12.49 -40.15
N THR A 120 -17.90 12.71 -39.52
CA THR A 120 -16.99 11.63 -39.20
C THR A 120 -17.63 10.72 -38.16
N LEU A 121 -17.50 9.41 -38.37
CA LEU A 121 -17.97 8.44 -37.38
C LEU A 121 -16.83 8.12 -36.42
N CYS A 122 -17.13 8.19 -35.12
CA CYS A 122 -16.16 7.94 -34.07
C CYS A 122 -16.74 6.94 -33.10
N THR A 123 -15.90 6.46 -32.18
CA THR A 123 -16.30 5.54 -31.13
C THR A 123 -16.00 6.13 -29.76
N VAL A 124 -16.93 5.95 -28.82
CA VAL A 124 -16.65 6.28 -27.44
C VAL A 124 -16.89 5.02 -26.61
N ALA A 125 -16.11 4.87 -25.54
CA ALA A 125 -16.19 3.71 -24.68
C ALA A 125 -16.14 4.16 -23.23
N GLY A 126 -16.74 3.35 -22.36
CA GLY A 126 -16.73 3.63 -20.94
C GLY A 126 -17.53 2.63 -20.14
N TRP A 127 -17.52 2.85 -18.82
CA TRP A 127 -18.23 2.06 -17.83
C TRP A 127 -19.41 2.81 -17.22
N GLY A 128 -19.89 3.84 -17.89
CA GLY A 128 -20.95 4.65 -17.35
C GLY A 128 -22.29 3.94 -17.43
N ARG A 129 -23.31 4.61 -16.90
CA ARG A 129 -24.66 4.07 -16.95
C ARG A 129 -25.15 3.91 -18.39
N VAL A 130 -26.06 2.95 -18.57
CA VAL A 130 -26.58 2.61 -19.90
C VAL A 130 -28.03 3.06 -20.10
N SER A 131 -28.68 3.55 -19.04
CA SER A 131 -30.03 4.06 -19.07
C SER A 131 -30.26 4.81 -17.76
N MET A 132 -31.49 5.27 -17.56
CA MET A 132 -31.76 5.94 -16.28
C MET A 132 -31.91 4.96 -15.14
N ARG A 133 -31.90 3.66 -15.41
CA ARG A 133 -32.13 2.66 -14.37
C ARG A 133 -30.99 1.67 -14.19
N ARG A 134 -30.08 1.55 -15.16
CA ARG A 134 -29.11 0.48 -15.05
C ARG A 134 -27.74 0.96 -15.47
N GLY A 135 -26.74 0.26 -14.94
CA GLY A 135 -25.36 0.47 -15.28
C GLY A 135 -24.78 -0.78 -15.91
N THR A 136 -23.45 -0.85 -15.90
CA THR A 136 -22.71 -1.94 -16.50
C THR A 136 -21.50 -2.25 -15.65
N ASP A 137 -21.24 -3.53 -15.44
CA ASP A 137 -19.98 -3.93 -14.84
C ASP A 137 -18.85 -3.97 -15.88
N THR A 138 -19.18 -4.08 -17.16
CA THR A 138 -18.18 -4.30 -18.20
C THR A 138 -18.09 -3.13 -19.16
N LEU A 139 -16.93 -3.00 -19.82
CA LEU A 139 -16.69 -1.91 -20.74
C LEU A 139 -17.63 -2.03 -21.93
N ARG A 140 -18.24 -0.91 -22.31
CA ARG A 140 -19.14 -0.81 -23.44
C ARG A 140 -18.67 0.33 -24.36
N GLU A 141 -19.17 0.30 -25.59
CA GLU A 141 -18.77 1.25 -26.61
C GLU A 141 -19.91 1.49 -27.60
N VAL A 142 -19.89 2.66 -28.21
CA VAL A 142 -20.93 3.06 -29.17
C VAL A 142 -20.28 3.96 -30.23
N GLN A 143 -20.80 3.90 -31.45
CA GLN A 143 -20.33 4.74 -32.55
C GLN A 143 -21.26 5.95 -32.64
N LEU A 144 -20.65 7.14 -32.70
CA LEU A 144 -21.36 8.40 -32.80
C LEU A 144 -20.84 9.22 -33.98
N ARG A 145 -21.69 10.06 -34.56
CA ARG A 145 -21.32 10.89 -35.69
C ARG A 145 -21.05 12.33 -35.21
N VAL A 146 -19.91 12.86 -35.63
CA VAL A 146 -19.61 14.26 -35.37
C VAL A 146 -20.62 15.14 -36.08
N GLN A 147 -21.10 16.17 -35.37
CA GLN A 147 -22.13 17.09 -35.83
C GLN A 147 -21.52 18.41 -36.31
N ARG A 148 -22.30 19.13 -37.12
CA ARG A 148 -21.96 20.50 -37.48
C ARG A 148 -21.97 21.36 -36.23
N ASP A 149 -21.00 22.27 -36.13
CA ASP A 149 -20.94 23.11 -34.92
C ASP A 149 -22.26 23.82 -34.66
N ARG A 150 -23.00 24.19 -35.71
CA ARG A 150 -24.30 24.83 -35.59
C ARG A 150 -25.20 24.17 -34.56
N GLN A 151 -25.21 22.84 -34.53
CA GLN A 151 -26.13 22.13 -33.65
C GLN A 151 -25.84 22.44 -32.18
N CYS A 152 -24.56 22.39 -31.77
CA CYS A 152 -24.24 22.67 -30.38
C CYS A 152 -24.23 24.17 -30.07
N LEU A 153 -23.94 25.04 -31.04
CA LEU A 153 -24.07 26.48 -30.77
C LEU A 153 -25.50 26.83 -30.36
N ARG A 154 -26.49 26.18 -30.98
CA ARG A 154 -27.88 26.47 -30.66
C ARG A 154 -28.32 25.91 -29.31
N ILE A 155 -27.82 24.72 -28.93
CA ILE A 155 -28.24 24.03 -27.71
C ILE A 155 -27.50 24.56 -26.49
N PHE A 156 -26.20 24.82 -26.64
CA PHE A 156 -25.32 25.09 -25.50
C PHE A 156 -24.65 26.45 -25.73
N GLY A 157 -25.09 27.47 -25.00
CA GLY A 157 -24.66 28.82 -25.30
C GLY A 157 -23.19 29.08 -25.12
N SER A 158 -22.50 28.26 -24.31
CA SER A 158 -21.08 28.41 -24.07
C SER A 158 -20.20 27.54 -24.95
N TYR A 159 -20.77 26.81 -25.89
CA TYR A 159 -19.99 25.94 -26.75
C TYR A 159 -19.01 26.74 -27.61
N ASP A 160 -17.80 26.22 -27.77
CA ASP A 160 -16.74 26.88 -28.53
C ASP A 160 -16.14 25.86 -29.48
N PRO A 161 -16.37 25.95 -30.80
CA PRO A 161 -15.82 24.96 -31.72
C PRO A 161 -14.29 24.93 -31.80
N ARG A 162 -13.62 25.97 -31.34
CA ARG A 162 -12.16 25.98 -31.36
C ARG A 162 -11.58 25.02 -30.33
N ARG A 163 -12.31 24.75 -29.26
CA ARG A 163 -11.80 23.93 -28.18
C ARG A 163 -12.67 22.74 -27.86
N GLN A 164 -13.81 22.60 -28.52
CA GLN A 164 -14.75 21.52 -28.25
C GLN A 164 -15.24 20.92 -29.56
N ILE A 165 -15.87 19.75 -29.44
CA ILE A 165 -16.45 19.00 -30.55
C ILE A 165 -17.90 18.66 -30.22
N CYS A 166 -18.79 18.78 -31.19
CA CYS A 166 -20.22 18.51 -31.08
C CYS A 166 -20.46 17.12 -31.67
N VAL A 167 -20.99 16.20 -30.86
CA VAL A 167 -21.02 14.77 -31.20
C VAL A 167 -22.38 14.17 -30.92
N GLY A 168 -22.91 13.44 -31.89
CA GLY A 168 -24.09 12.64 -31.69
C GLY A 168 -25.32 13.16 -32.40
N ASP A 169 -25.93 12.27 -33.19
CA ASP A 169 -27.20 12.53 -33.87
C ASP A 169 -28.35 12.42 -32.89
N ARG A 170 -29.15 13.50 -32.74
CA ARG A 170 -30.23 13.55 -31.78
C ARG A 170 -31.28 12.49 -32.05
N ARG A 171 -31.33 11.97 -33.27
CA ARG A 171 -32.36 11.02 -33.63
C ARG A 171 -32.04 9.59 -33.25
N GLU A 172 -30.84 9.30 -32.76
CA GLU A 172 -30.48 7.95 -32.36
C GLU A 172 -30.34 7.91 -30.85
N ARG A 173 -30.73 6.77 -30.26
CA ARG A 173 -30.51 6.54 -28.83
C ARG A 173 -29.09 5.96 -28.66
N LYS A 174 -28.11 6.84 -28.85
CA LYS A 174 -26.70 6.50 -28.76
C LYS A 174 -25.99 7.71 -28.16
N ALA A 175 -25.21 7.50 -27.10
CA ALA A 175 -24.59 8.62 -26.43
C ALA A 175 -23.62 8.13 -25.37
N ALA A 176 -22.66 9.00 -24.99
CA ALA A 176 -21.95 8.81 -23.74
C ALA A 176 -22.84 9.29 -22.59
N PHE A 177 -22.68 8.72 -21.41
CA PHE A 177 -23.59 9.07 -20.32
C PHE A 177 -22.83 9.10 -19.00
N LYS A 178 -23.58 9.11 -17.89
CA LYS A 178 -23.02 9.40 -16.56
C LYS A 178 -22.02 8.35 -16.14
N GLY A 179 -20.79 8.79 -15.90
CA GLY A 179 -19.69 7.92 -15.62
C GLY A 179 -18.75 7.72 -16.79
N ASP A 180 -19.14 8.17 -17.98
CA ASP A 180 -18.25 8.09 -19.14
C ASP A 180 -17.37 9.32 -19.32
N SER A 181 -17.63 10.41 -18.62
CA SER A 181 -16.75 11.59 -18.65
C SER A 181 -15.30 11.20 -18.54
N GLY A 182 -14.49 11.89 -19.34
CA GLY A 182 -13.06 11.66 -19.37
C GLY A 182 -12.60 10.60 -20.33
N GLY A 183 -13.50 9.77 -20.83
CA GLY A 183 -13.12 8.75 -21.78
C GLY A 183 -12.92 9.35 -23.14
N PRO A 184 -12.25 8.60 -24.01
CA PRO A 184 -11.88 9.11 -25.32
C PRO A 184 -12.97 8.98 -26.38
N LEU A 185 -12.93 9.91 -27.32
CA LEU A 185 -13.60 9.82 -28.60
C LEU A 185 -12.55 9.39 -29.61
N LEU A 186 -12.68 8.18 -30.14
CA LEU A 186 -11.67 7.61 -31.04
C LEU A 186 -12.17 7.67 -32.48
N CYS A 187 -11.34 8.23 -33.35
CA CYS A 187 -11.68 8.42 -34.75
C CYS A 187 -10.45 7.89 -35.48
N ASN A 188 -10.60 6.76 -36.17
CA ASN A 188 -9.50 6.12 -36.89
C ASN A 188 -8.30 5.87 -35.97
N ASN A 189 -8.59 5.37 -34.76
CA ASN A 189 -7.61 4.89 -33.79
C ASN A 189 -6.76 6.03 -33.19
N VAL A 190 -7.32 7.24 -33.14
CA VAL A 190 -6.67 8.40 -32.54
C VAL A 190 -7.71 9.03 -31.60
N ALA A 191 -7.29 9.40 -30.39
CA ALA A 191 -8.17 10.02 -29.41
C ALA A 191 -8.27 11.52 -29.70
N HIS A 192 -9.36 11.90 -30.35
CA HIS A 192 -9.65 13.28 -30.71
C HIS A 192 -10.41 14.05 -29.65
N GLY A 193 -11.16 13.36 -28.79
CA GLY A 193 -12.04 14.03 -27.87
C GLY A 193 -11.99 13.43 -26.48
N ILE A 194 -12.50 14.20 -25.53
CA ILE A 194 -12.74 13.75 -24.17
C ILE A 194 -14.20 14.00 -23.83
N VAL A 195 -14.90 12.96 -23.39
CA VAL A 195 -16.29 13.13 -22.96
C VAL A 195 -16.34 14.21 -21.89
N SER A 196 -17.19 15.22 -22.10
CA SER A 196 -17.32 16.33 -21.16
C SER A 196 -18.73 16.45 -20.62
N TYR A 197 -19.70 16.92 -21.42
CA TYR A 197 -21.01 17.20 -20.90
C TYR A 197 -22.11 17.03 -21.92
N GLY A 198 -23.33 16.98 -21.42
CA GLY A 198 -24.51 16.85 -22.25
C GLY A 198 -25.74 17.24 -21.44
N LYS A 199 -26.85 16.55 -21.71
CA LYS A 199 -28.12 16.75 -20.98
C LYS A 199 -28.36 15.63 -19.98
N SER A 200 -29.11 15.93 -18.91
CA SER A 200 -29.36 14.86 -17.95
C SER A 200 -30.14 13.72 -18.60
N SER A 201 -30.91 14.03 -19.65
CA SER A 201 -31.67 13.02 -20.39
C SER A 201 -30.78 12.04 -21.16
N GLY A 202 -29.56 12.41 -21.47
CA GLY A 202 -28.71 11.57 -22.30
C GLY A 202 -28.94 11.76 -23.78
N VAL A 203 -29.82 12.68 -24.18
CA VAL A 203 -30.15 12.87 -25.58
C VAL A 203 -29.06 13.70 -26.26
N PRO A 204 -28.52 13.26 -27.38
CA PRO A 204 -27.48 14.03 -28.05
C PRO A 204 -28.04 15.25 -28.77
N PRO A 205 -27.20 16.18 -29.22
CA PRO A 205 -25.73 16.12 -29.19
C PRO A 205 -25.13 16.39 -27.82
N GLU A 206 -23.89 15.93 -27.67
CA GLU A 206 -23.09 16.09 -26.48
C GLU A 206 -21.81 16.83 -26.85
N VAL A 207 -21.11 17.34 -25.85
CA VAL A 207 -19.91 18.16 -26.05
C VAL A 207 -18.71 17.41 -25.51
N PHE A 208 -17.67 17.36 -26.32
CA PHE A 208 -16.39 16.75 -26.01
C PHE A 208 -15.30 17.82 -26.05
N THR A 209 -14.31 17.67 -25.18
CA THR A 209 -13.11 18.49 -25.30
C THR A 209 -12.37 18.09 -26.56
N ARG A 210 -11.90 19.08 -27.32
CA ARG A 210 -11.10 18.85 -28.55
C ARG A 210 -9.62 18.73 -28.18
N VAL A 211 -9.11 17.50 -28.15
CA VAL A 211 -7.78 17.22 -27.63
C VAL A 211 -6.73 17.99 -28.41
N SER A 212 -6.89 18.10 -29.73
CA SER A 212 -5.84 18.71 -30.52
C SER A 212 -5.66 20.20 -30.21
N SER A 213 -6.61 20.84 -29.55
CA SER A 213 -6.44 22.23 -29.18
C SER A 213 -5.57 22.42 -27.94
N PHE A 214 -5.16 21.33 -27.30
CA PHE A 214 -4.45 21.33 -26.02
C PHE A 214 -3.12 20.60 -26.11
N LEU A 215 -2.65 20.28 -27.30
CA LEU A 215 -1.42 19.49 -27.39
C LEU A 215 -0.20 20.22 -26.81
N PRO A 216 -0.02 21.52 -27.01
CA PRO A 216 1.13 22.19 -26.37
C PRO A 216 1.12 22.06 -24.86
N TRP A 217 -0.05 22.24 -24.25
CA TRP A 217 -0.16 22.10 -22.80
C TRP A 217 0.09 20.66 -22.39
N ILE A 218 -0.45 19.69 -23.13
CA ILE A 218 -0.22 18.29 -22.83
C ILE A 218 1.28 17.99 -22.84
N ARG A 219 1.98 18.47 -23.85
CA ARG A 219 3.40 18.14 -24.00
C ARG A 219 4.24 18.81 -22.92
N THR A 220 3.97 20.07 -22.64
CA THR A 220 4.69 20.77 -21.58
C THR A 220 4.46 20.13 -20.23
N THR A 221 3.22 19.73 -19.96
CA THR A 221 2.90 19.21 -18.65
C THR A 221 3.56 17.85 -18.43
N MET A 222 3.70 17.06 -19.48
CA MET A 222 4.30 15.75 -19.33
C MET A 222 5.82 15.83 -19.30
N ARG A 223 6.41 16.96 -19.66
CA ARG A 223 7.86 17.15 -19.68
C ARG A 223 8.36 17.69 -18.33
N LYS B 2 -22.67 2.27 5.51
CA LYS B 2 -22.78 3.50 4.72
C LYS B 2 -23.90 3.35 3.70
N HIS B 3 -24.54 4.47 3.34
CA HIS B 3 -25.60 4.47 2.35
C HIS B 3 -25.20 5.41 1.22
N THR B 4 -25.19 4.89 0.00
CA THR B 4 -24.76 5.65 -1.17
C THR B 4 -25.98 6.11 -1.95
N VAL B 5 -25.95 7.39 -2.34
CA VAL B 5 -27.05 8.10 -3.01
C VAL B 5 -26.50 8.80 -4.24
N PRO B 6 -26.76 8.28 -5.43
CA PRO B 6 -26.36 8.98 -6.66
C PRO B 6 -27.06 10.32 -6.75
N TYR B 7 -26.39 11.28 -7.35
CA TYR B 7 -27.06 12.55 -7.65
C TYR B 7 -26.53 13.12 -8.95
N THR B 8 -27.32 14.00 -9.54
CA THR B 8 -26.98 14.64 -10.81
C THR B 8 -27.14 16.13 -10.66
N ILE B 9 -26.24 16.89 -11.27
CA ILE B 9 -26.30 18.35 -11.24
C ILE B 9 -26.46 18.86 -12.65
N SER B 10 -27.49 19.68 -12.86
CA SER B 10 -27.70 20.36 -14.13
C SER B 10 -27.75 21.85 -13.83
N VAL B 11 -26.87 22.60 -14.47
CA VAL B 11 -26.84 24.04 -14.31
C VAL B 11 -26.83 24.67 -15.69
N ASP B 12 -27.78 25.58 -15.94
CA ASP B 12 -27.87 26.30 -17.22
C ASP B 12 -27.98 25.33 -18.39
N GLY B 13 -28.65 24.20 -18.16
CA GLY B 13 -28.90 23.21 -19.18
C GLY B 13 -27.76 22.26 -19.46
N ILE B 14 -26.66 22.34 -18.71
CA ILE B 14 -25.47 21.52 -18.91
C ILE B 14 -25.35 20.57 -17.73
N THR B 15 -25.13 19.30 -18.03
CA THR B 15 -24.80 18.26 -17.05
C THR B 15 -23.44 17.65 -17.38
N ALA B 16 -22.47 17.84 -16.48
CA ALA B 16 -21.21 17.13 -16.62
C ALA B 16 -21.45 15.62 -16.50
N LEU B 17 -20.70 14.82 -17.25
CA LEU B 17 -21.03 13.40 -17.41
C LEU B 17 -20.18 12.47 -16.55
N HIS B 18 -19.66 12.96 -15.40
CA HIS B 18 -19.20 12.06 -14.36
C HIS B 18 -20.39 11.42 -13.67
N ARG B 19 -20.12 10.41 -12.84
CA ARG B 19 -21.16 9.81 -12.01
C ARG B 19 -20.78 10.17 -10.58
N THR B 20 -21.66 10.91 -9.89
CA THR B 20 -21.40 11.38 -8.53
C THR B 20 -22.38 10.76 -7.52
N TYR B 21 -21.87 10.43 -6.34
CA TYR B 21 -22.69 9.91 -5.25
C TYR B 21 -22.43 10.66 -3.95
N PHE B 22 -23.47 10.80 -3.13
CA PHE B 22 -23.25 11.14 -1.73
C PHE B 22 -23.14 9.85 -0.91
N VAL B 23 -22.35 9.90 0.16
CA VAL B 23 -22.31 8.79 1.14
C VAL B 23 -22.78 9.31 2.48
N PHE B 24 -23.81 8.68 3.01
CA PHE B 24 -24.36 8.94 4.33
C PHE B 24 -24.04 7.79 5.27
N PRO B 25 -23.69 8.08 6.54
CA PRO B 25 -23.69 7.04 7.59
C PRO B 25 -25.10 6.62 8.06
N LYS B 28 -27.42 7.56 10.21
CA LYS B 28 -28.04 8.54 11.11
C LYS B 28 -29.10 9.42 10.42
N LYS B 29 -29.99 10.06 11.19
CA LYS B 29 -31.00 10.95 10.64
C LYS B 29 -30.50 12.38 10.49
N VAL B 30 -31.03 13.07 9.48
CA VAL B 30 -30.61 14.44 9.21
C VAL B 30 -31.81 15.33 8.91
N LEU B 31 -31.62 16.64 9.10
CA LEU B 31 -32.63 17.61 8.71
C LEU B 31 -32.49 17.92 7.21
N TYR B 32 -33.60 18.28 6.58
CA TYR B 32 -33.51 18.68 5.17
C TYR B 32 -32.48 19.79 4.96
N GLN B 33 -32.30 20.67 5.95
CA GLN B 33 -31.34 21.75 5.79
C GLN B 33 -29.92 21.22 5.61
N GLU B 34 -29.61 20.04 6.17
CA GLU B 34 -28.28 19.47 5.95
C GLU B 34 -28.12 18.98 4.51
N ILE B 35 -29.18 18.40 3.94
CA ILE B 35 -29.17 18.04 2.52
C ILE B 35 -29.12 19.28 1.66
N ASP B 36 -29.85 20.33 2.03
CA ASP B 36 -29.76 21.60 1.30
C ASP B 36 -28.30 22.06 1.23
N SER B 37 -27.60 21.99 2.39
CA SER B 37 -26.20 22.42 2.45
C SER B 37 -25.32 21.56 1.57
N LYS B 38 -25.50 20.24 1.61
CA LYS B 38 -24.68 19.36 0.76
C LYS B 38 -24.91 19.71 -0.70
N VAL B 39 -26.16 19.93 -1.07
CA VAL B 39 -26.49 20.25 -2.47
C VAL B 39 -25.85 21.57 -2.88
N LYS B 40 -26.03 22.63 -2.09
CA LYS B 40 -25.44 23.92 -2.44
C LYS B 40 -23.91 23.85 -2.44
N ASN B 41 -23.33 23.04 -1.55
CA ASN B 41 -21.88 22.89 -1.54
C ASN B 41 -21.38 22.26 -2.82
N GLU B 42 -22.10 21.27 -3.36
CA GLU B 42 -21.70 20.65 -4.62
C GLU B 42 -21.98 21.57 -5.81
N LEU B 43 -23.08 22.31 -5.76
CA LEU B 43 -23.30 23.33 -6.79
C LEU B 43 -22.13 24.31 -6.86
N ALA B 44 -21.62 24.74 -5.70
CA ALA B 44 -20.48 25.63 -5.65
C ALA B 44 -19.20 24.95 -6.12
N SER B 45 -18.90 23.78 -5.57
CA SER B 45 -17.59 23.19 -5.84
C SER B 45 -17.50 22.51 -7.20
N GLN B 46 -18.62 22.05 -7.75
CA GLN B 46 -18.59 21.44 -9.07
C GLN B 46 -18.83 22.42 -10.21
N ARG B 47 -19.70 23.40 -10.02
CA ARG B 47 -20.15 24.26 -11.12
C ARG B 47 -20.08 25.73 -10.79
N GLY B 48 -19.47 26.10 -9.68
CA GLY B 48 -19.24 27.52 -9.43
C GLY B 48 -20.50 28.32 -9.18
N VAL B 49 -21.56 27.67 -8.74
CA VAL B 49 -22.83 28.33 -8.49
C VAL B 49 -22.75 29.06 -7.16
N THR B 50 -23.10 30.35 -7.17
CA THR B 50 -23.14 31.19 -5.97
C THR B 50 -24.54 31.29 -5.37
N THR B 51 -24.60 31.80 -4.14
CA THR B 51 -25.91 32.09 -3.52
C THR B 51 -26.73 33.03 -4.41
N GLU B 52 -26.10 34.07 -4.96
CA GLU B 52 -26.78 35.01 -5.85
C GLU B 52 -27.36 34.31 -7.07
N LYS B 53 -26.58 33.42 -7.71
CA LYS B 53 -27.08 32.66 -8.84
C LYS B 53 -28.33 31.87 -8.47
N ILE B 54 -28.28 31.15 -7.34
CA ILE B 54 -29.45 30.38 -6.89
C ILE B 54 -30.64 31.31 -6.68
N ASN B 55 -30.43 32.39 -5.94
CA ASN B 55 -31.56 33.22 -5.52
C ASN B 55 -32.24 33.93 -6.68
N ASN B 56 -31.52 34.22 -7.76
CA ASN B 56 -32.07 34.92 -8.92
C ASN B 56 -32.48 33.99 -10.05
N ALA B 57 -32.36 32.68 -9.88
CA ALA B 57 -32.57 31.73 -10.96
C ALA B 57 -34.07 31.55 -11.25
N GLN B 58 -34.38 31.19 -12.50
CA GLN B 58 -35.77 30.87 -12.81
C GLN B 58 -36.24 29.66 -11.99
N THR B 59 -35.38 28.65 -11.84
CA THR B 59 -35.70 27.52 -10.97
C THR B 59 -34.42 27.07 -10.30
N ALA B 60 -34.50 26.75 -9.01
CA ALA B 60 -33.36 26.21 -8.30
C ALA B 60 -33.94 25.19 -7.33
N THR B 61 -33.86 23.92 -7.68
CA THR B 61 -34.51 22.87 -6.88
C THR B 61 -33.64 21.63 -6.82
N TYR B 62 -33.95 20.78 -5.86
CA TYR B 62 -33.53 19.39 -5.94
C TYR B 62 -34.74 18.53 -5.64
N THR B 63 -34.77 17.39 -6.32
CA THR B 63 -35.83 16.40 -6.17
C THR B 63 -35.24 15.14 -5.60
N LEU B 64 -35.78 14.74 -4.46
CA LEU B 64 -35.43 13.47 -3.85
C LEU B 64 -36.35 12.40 -4.40
N THR B 65 -35.78 11.30 -4.83
CA THR B 65 -36.57 10.09 -5.10
C THR B 65 -36.30 9.12 -3.96
N LEU B 66 -37.35 8.67 -3.26
CA LEU B 66 -37.16 7.71 -2.19
C LEU B 66 -37.24 6.29 -2.72
N ASN B 67 -36.72 5.36 -1.92
CA ASN B 67 -36.69 3.97 -2.34
C ASN B 67 -38.09 3.44 -2.62
N ASP B 68 -39.09 3.96 -1.90
CA ASP B 68 -40.47 3.55 -2.14
C ASP B 68 -41.14 4.31 -3.28
N GLY B 69 -40.39 5.06 -4.09
CA GLY B 69 -40.92 5.68 -5.28
C GLY B 69 -41.47 7.09 -5.13
N ASN B 70 -41.76 7.52 -3.91
CA ASN B 70 -42.22 8.89 -3.70
C ASN B 70 -41.13 9.89 -4.10
N LYS B 71 -41.55 11.05 -4.64
CA LYS B 71 -40.64 12.14 -4.99
C LYS B 71 -40.96 13.39 -4.19
N LYS B 72 -39.92 14.11 -3.77
CA LYS B 72 -40.08 15.36 -3.02
C LYS B 72 -39.26 16.45 -3.68
N VAL B 73 -39.91 17.53 -4.09
CA VAL B 73 -39.24 18.67 -4.73
C VAL B 73 -38.98 19.73 -3.67
N VAL B 74 -37.72 20.12 -3.54
CA VAL B 74 -37.27 21.08 -2.54
C VAL B 74 -36.78 22.32 -3.27
N ASN B 75 -37.29 23.48 -2.86
CA ASN B 75 -36.87 24.77 -3.41
C ASN B 75 -35.60 25.23 -2.70
N LEU B 76 -34.51 25.39 -3.45
CA LEU B 76 -33.26 25.82 -2.85
C LEU B 76 -33.26 27.30 -2.44
N LYS B 77 -34.19 28.11 -2.95
CA LYS B 77 -34.24 29.51 -2.54
C LYS B 77 -34.86 29.67 -1.17
N LYS B 78 -35.90 28.90 -0.89
CA LYS B 78 -36.61 28.98 0.39
C LYS B 78 -37.27 27.63 0.62
N ASN B 79 -36.77 26.87 1.60
CA ASN B 79 -37.25 25.52 1.90
C ASN B 79 -38.00 25.55 3.22
N ASP B 80 -39.33 25.60 3.16
CA ASP B 80 -40.10 25.64 4.39
C ASP B 80 -39.94 24.37 5.23
N ASP B 81 -39.42 23.28 4.65
CA ASP B 81 -39.23 22.02 5.35
C ASP B 81 -37.79 21.81 5.84
N ALA B 82 -37.01 22.88 5.89
CA ALA B 82 -35.62 22.80 6.28
C ALA B 82 -35.42 22.10 7.61
N LYS B 83 -36.37 22.28 8.52
CA LYS B 83 -36.20 21.76 9.87
C LYS B 83 -36.84 20.40 10.07
N ASN B 84 -37.44 19.81 9.05
CA ASN B 84 -37.95 18.45 9.17
C ASN B 84 -36.83 17.45 8.91
N SER B 85 -36.99 16.26 9.46
CA SER B 85 -35.93 15.28 9.34
C SER B 85 -36.26 14.26 8.25
N ILE B 86 -35.21 13.55 7.81
CA ILE B 86 -35.32 12.44 6.89
C ILE B 86 -34.20 11.46 7.21
N ASP B 87 -34.46 10.16 7.04
CA ASP B 87 -33.43 9.14 7.20
C ASP B 87 -32.81 8.94 5.84
N PRO B 88 -31.53 9.30 5.63
CA PRO B 88 -31.02 9.25 4.25
C PRO B 88 -31.06 7.87 3.65
N SER B 89 -31.14 6.81 4.46
CA SER B 89 -31.20 5.46 3.89
C SER B 89 -32.47 5.21 3.08
N THR B 90 -33.49 6.08 3.20
CA THR B 90 -34.68 5.97 2.40
C THR B 90 -34.53 6.65 1.04
N ILE B 91 -33.43 7.34 0.82
CA ILE B 91 -33.25 8.14 -0.40
C ILE B 91 -32.60 7.27 -1.45
N LYS B 92 -33.21 7.21 -2.64
CA LYS B 92 -32.63 6.48 -3.77
C LYS B 92 -31.68 7.35 -4.59
N GLN B 93 -32.10 8.55 -4.97
CA GLN B 93 -31.25 9.44 -5.76
C GLN B 93 -31.77 10.87 -5.68
N ILE B 94 -30.92 11.81 -6.09
CA ILE B 94 -31.21 13.24 -5.99
C ILE B 94 -30.92 13.88 -7.34
N GLN B 95 -31.88 14.64 -7.84
CA GLN B 95 -31.74 15.39 -9.08
C GLN B 95 -31.70 16.87 -8.73
N ILE B 96 -30.61 17.55 -9.11
CA ILE B 96 -30.40 18.95 -8.77
C ILE B 96 -30.45 19.76 -10.06
N VAL B 97 -31.26 20.83 -10.08
CA VAL B 97 -31.44 21.66 -11.28
C VAL B 97 -31.41 23.14 -10.92
N VAL B 98 -30.50 23.88 -11.53
CA VAL B 98 -30.46 25.34 -11.43
C VAL B 98 -30.47 25.89 -12.85
N LYS B 99 -31.47 26.71 -13.17
CA LYS B 99 -31.69 27.28 -14.49
C LYS B 99 -32.20 26.25 -15.48
N ILE C 1 -16.03 -27.19 -0.82
CA ILE C 1 -17.05 -27.93 -0.06
C ILE C 1 -17.81 -28.85 -1.02
N ILE C 2 -17.85 -30.15 -0.73
CA ILE C 2 -18.60 -31.13 -1.50
C ILE C 2 -19.95 -31.34 -0.83
N GLY C 3 -21.02 -31.25 -1.60
CA GLY C 3 -22.32 -31.62 -1.06
C GLY C 3 -22.98 -30.58 -0.20
N GLY C 4 -22.55 -29.32 -0.28
CA GLY C 4 -23.08 -28.27 0.55
C GLY C 4 -23.95 -27.31 -0.22
N ARG C 5 -24.14 -26.15 0.36
CA ARG C 5 -25.04 -25.12 -0.14
C ARG C 5 -24.33 -23.79 -0.06
N GLU C 6 -24.68 -22.86 -0.95
CA GLU C 6 -24.16 -21.50 -0.82
C GLU C 6 -24.65 -20.90 0.49
N SER C 7 -23.74 -20.32 1.25
CA SER C 7 -24.07 -19.68 2.49
C SER C 7 -24.90 -18.41 2.29
N ARG C 8 -25.70 -18.08 3.28
CA ARG C 8 -26.29 -16.75 3.32
C ARG C 8 -25.16 -15.72 3.39
N PRO C 9 -25.14 -14.73 2.52
CA PRO C 9 -24.01 -13.80 2.53
C PRO C 9 -23.79 -13.17 3.89
N HIS C 10 -22.54 -13.25 4.38
CA HIS C 10 -22.11 -12.59 5.61
C HIS C 10 -22.73 -13.20 6.85
N SER C 11 -23.29 -14.40 6.71
CA SER C 11 -23.80 -15.15 7.83
C SER C 11 -22.69 -15.77 8.66
N ARG C 12 -21.46 -15.81 8.14
CA ARG C 12 -20.33 -16.44 8.82
C ARG C 12 -19.20 -15.44 8.87
N PRO C 13 -19.36 -14.40 9.70
CA PRO C 13 -18.48 -13.23 9.59
C PRO C 13 -17.06 -13.44 10.08
N TYR C 14 -16.74 -14.61 10.63
CA TYR C 14 -15.37 -14.94 11.05
C TYR C 14 -14.57 -15.54 9.90
N MET C 15 -15.21 -15.89 8.80
CA MET C 15 -14.51 -16.61 7.75
C MET C 15 -13.46 -15.74 7.06
N ALA C 16 -12.32 -16.34 6.78
CA ALA C 16 -11.23 -15.69 6.09
C ALA C 16 -10.80 -16.51 4.88
N TYR C 17 -10.47 -15.81 3.79
CA TYR C 17 -9.97 -16.39 2.55
C TYR C 17 -8.51 -16.02 2.46
N LEU C 18 -7.64 -17.01 2.29
CA LEU C 18 -6.20 -16.81 2.36
C LEU C 18 -5.58 -17.03 0.99
N GLN C 19 -4.74 -16.09 0.55
CA GLN C 19 -3.96 -16.19 -0.69
C GLN C 19 -2.49 -16.25 -0.28
N ILE C 20 -1.80 -17.30 -0.72
CA ILE C 20 -0.48 -17.63 -0.20
C ILE C 20 0.48 -17.75 -1.36
N GLN C 21 1.64 -17.10 -1.28
CA GLN C 21 2.66 -17.18 -2.33
C GLN C 21 3.62 -18.31 -2.04
N SER C 22 3.92 -19.08 -3.05
CA SER C 22 4.82 -20.23 -3.06
C SER C 22 5.98 -19.97 -4.02
N PRO C 23 7.04 -20.77 -3.98
CA PRO C 23 8.19 -20.51 -4.89
C PRO C 23 7.86 -20.64 -6.36
N ALA C 24 6.85 -21.45 -6.72
CA ALA C 24 6.58 -21.76 -8.12
C ALA C 24 5.09 -21.64 -8.45
N GLY C 25 4.35 -20.89 -7.64
CA GLY C 25 2.93 -20.72 -7.84
C GLY C 25 2.34 -20.19 -6.55
N GLN C 26 1.08 -20.54 -6.32
CA GLN C 26 0.37 -20.03 -5.17
C GLN C 26 -0.56 -21.09 -4.60
N SER C 27 -1.02 -20.86 -3.37
CA SER C 27 -2.04 -21.70 -2.76
C SER C 27 -3.18 -20.84 -2.24
N ARG C 28 -4.31 -21.50 -1.96
CA ARG C 28 -5.49 -20.86 -1.40
C ARG C 28 -5.98 -21.74 -0.26
N CYS C 29 -6.42 -21.12 0.84
CA CYS C 29 -6.87 -21.81 2.05
C CYS C 29 -7.99 -20.97 2.62
N GLY C 30 -8.67 -21.52 3.62
CA GLY C 30 -9.54 -20.77 4.49
C GLY C 30 -8.86 -20.48 5.82
N GLY C 31 -9.58 -19.79 6.69
CA GLY C 31 -9.10 -19.43 8.01
C GLY C 31 -10.29 -18.86 8.74
N PHE C 32 -10.07 -18.54 10.01
CA PHE C 32 -11.17 -17.93 10.75
C PHE C 32 -10.62 -16.94 11.76
N LEU C 33 -11.27 -15.79 11.87
CA LEU C 33 -10.88 -14.77 12.81
C LEU C 33 -11.20 -15.21 14.22
N VAL C 34 -10.20 -15.15 15.10
CA VAL C 34 -10.39 -15.46 16.52
C VAL C 34 -10.16 -14.27 17.42
N ARG C 35 -9.60 -13.18 16.94
CA ARG C 35 -9.48 -11.94 17.68
C ARG C 35 -9.32 -10.86 16.63
N GLU C 36 -9.59 -9.61 17.02
CA GLU C 36 -9.53 -8.54 16.01
C GLU C 36 -8.22 -8.55 15.23
N ASP C 37 -7.16 -9.14 15.78
CA ASP C 37 -5.83 -9.08 15.18
C ASP C 37 -5.26 -10.45 14.82
N PHE C 38 -6.04 -11.51 14.85
CA PHE C 38 -5.51 -12.86 14.65
C PHE C 38 -6.49 -13.75 13.91
N VAL C 39 -5.95 -14.52 12.98
CA VAL C 39 -6.70 -15.52 12.23
C VAL C 39 -6.03 -16.87 12.50
N LEU C 40 -6.85 -17.88 12.75
CA LEU C 40 -6.40 -19.27 12.84
C LEU C 40 -6.60 -20.01 11.52
N THR C 41 -5.66 -20.89 11.21
CA THR C 41 -5.65 -21.63 9.96
C THR C 41 -4.77 -22.85 10.15
N ALA C 42 -4.52 -23.57 9.07
CA ALA C 42 -3.69 -24.76 9.07
C ALA C 42 -2.23 -24.40 8.81
N ALA C 43 -1.32 -25.11 9.47
CA ALA C 43 0.11 -24.88 9.28
C ALA C 43 0.55 -25.19 7.85
N HIS C 44 -0.12 -26.13 7.18
CA HIS C 44 0.32 -26.45 5.82
C HIS C 44 0.01 -25.34 4.83
N CYS C 45 -0.70 -24.29 5.27
CA CYS C 45 -1.02 -23.14 4.43
C CYS C 45 0.03 -22.05 4.52
N TRP C 46 1.17 -22.33 5.14
CA TRP C 46 2.22 -21.33 5.28
C TRP C 46 2.87 -20.99 3.95
N GLY C 47 3.31 -19.75 3.83
CA GLY C 47 3.99 -19.33 2.63
C GLY C 47 4.59 -17.96 2.83
N SER C 48 5.20 -17.51 1.73
CA SER C 48 6.21 -16.45 1.59
C SER C 48 5.58 -15.15 1.17
N ASN C 49 4.38 -14.88 1.71
CA ASN C 49 3.55 -13.67 1.64
C ASN C 49 2.15 -14.29 1.88
N ILE C 50 1.33 -13.76 2.78
CA ILE C 50 -0.05 -14.24 2.95
C ILE C 50 -0.99 -13.04 3.02
N ASN C 51 -1.99 -13.02 2.16
CA ASN C 51 -3.03 -12.00 2.15
C ASN C 51 -4.35 -12.60 2.65
N VAL C 52 -4.98 -11.91 3.59
CA VAL C 52 -6.20 -12.35 4.27
C VAL C 52 -7.34 -11.46 3.81
N THR C 53 -8.43 -12.06 3.35
CA THR C 53 -9.65 -11.33 2.99
C THR C 53 -10.75 -11.70 3.97
N LEU C 54 -11.23 -10.71 4.70
CA LEU C 54 -12.36 -10.85 5.62
C LEU C 54 -13.57 -10.14 5.03
N GLY C 55 -14.76 -10.55 5.46
CA GLY C 55 -15.99 -9.88 5.07
C GLY C 55 -16.49 -10.21 3.69
N ALA C 56 -15.99 -11.28 3.10
CA ALA C 56 -16.33 -11.64 1.75
C ALA C 56 -17.48 -12.62 1.69
N HIS C 57 -18.21 -12.54 0.59
CA HIS C 57 -19.06 -13.62 0.15
C HIS C 57 -18.58 -14.14 -1.19
N ASN C 58 -18.61 -13.30 -2.22
CA ASN C 58 -18.07 -13.67 -3.52
C ASN C 58 -16.65 -13.12 -3.56
N ILE C 59 -15.66 -14.00 -3.44
CA ILE C 59 -14.26 -13.58 -3.38
C ILE C 59 -13.70 -13.15 -4.72
N GLN C 60 -14.43 -13.42 -5.82
CA GLN C 60 -14.02 -12.96 -7.14
C GLN C 60 -14.54 -11.57 -7.45
N ARG C 61 -15.41 -11.02 -6.61
CA ARG C 61 -15.98 -9.70 -6.83
C ARG C 61 -15.47 -8.69 -5.82
N ARG C 62 -15.45 -7.43 -6.23
CA ARG C 62 -15.15 -6.31 -5.35
C ARG C 62 -16.42 -5.98 -4.57
N GLU C 63 -16.45 -6.40 -3.31
CA GLU C 63 -17.56 -6.17 -2.40
C GLU C 63 -17.14 -5.12 -1.38
N ASN C 64 -18.05 -4.20 -1.07
CA ASN C 64 -17.73 -3.12 -0.15
C ASN C 64 -17.48 -3.62 1.27
N THR C 65 -17.91 -4.83 1.59
CA THR C 65 -17.72 -5.40 2.91
C THR C 65 -16.31 -5.97 3.10
N GLN C 66 -15.59 -6.19 2.03
CA GLN C 66 -14.32 -6.89 2.15
C GLN C 66 -13.26 -6.00 2.81
N GLN C 67 -12.46 -6.62 3.67
CA GLN C 67 -11.26 -6.01 4.23
C GLN C 67 -10.09 -6.90 3.84
N HIS C 68 -9.11 -6.32 3.18
CA HIS C 68 -7.92 -7.04 2.74
C HIS C 68 -6.76 -6.64 3.62
N ILE C 69 -6.16 -7.63 4.28
CA ILE C 69 -5.11 -7.38 5.27
C ILE C 69 -3.99 -8.39 5.10
N THR C 70 -2.77 -7.92 5.01
CA THR C 70 -1.64 -8.82 4.93
C THR C 70 -1.37 -9.40 6.31
N ALA C 71 -0.85 -10.63 6.31
CA ALA C 71 -0.42 -11.25 7.55
C ALA C 71 0.93 -10.67 7.94
N ARG C 72 0.99 -10.03 9.10
CA ARG C 72 2.26 -9.50 9.58
C ARG C 72 3.22 -10.62 9.93
N ARG C 73 2.76 -11.56 10.73
CA ARG C 73 3.53 -12.74 11.07
C ARG C 73 2.67 -13.98 10.85
N ALA C 74 3.34 -15.09 10.59
CA ALA C 74 2.69 -16.38 10.45
C ALA C 74 3.38 -17.33 11.41
N ILE C 75 2.65 -17.82 12.40
CA ILE C 75 3.25 -18.62 13.45
C ILE C 75 2.73 -20.03 13.34
N ARG C 76 3.53 -20.91 12.75
CA ARG C 76 3.22 -22.32 12.74
C ARG C 76 3.46 -22.92 14.11
N HIS C 77 2.65 -23.90 14.45
CA HIS C 77 2.92 -24.64 15.67
C HIS C 77 4.35 -25.20 15.66
N PRO C 78 5.08 -25.12 16.79
CA PRO C 78 6.47 -25.60 16.79
C PRO C 78 6.65 -27.09 16.49
N GLN C 79 5.67 -27.92 16.80
CA GLN C 79 5.72 -29.36 16.57
C GLN C 79 4.98 -29.78 15.30
N TYR C 80 4.61 -28.82 14.45
CA TYR C 80 4.04 -29.17 13.15
C TYR C 80 4.95 -30.16 12.43
N ASN C 81 4.37 -31.26 12.00
CA ASN C 81 5.06 -32.30 11.22
C ASN C 81 4.44 -32.35 9.83
N GLN C 82 5.18 -31.95 8.79
CA GLN C 82 4.56 -31.89 7.46
C GLN C 82 4.46 -33.27 6.84
N ARG C 83 5.24 -34.21 7.40
CA ARG C 83 5.22 -35.54 6.80
C ARG C 83 3.92 -36.26 7.13
N THR C 84 3.54 -36.25 8.40
CA THR C 84 2.33 -36.88 8.90
C THR C 84 1.18 -35.91 9.01
N ILE C 85 1.44 -34.62 8.86
CA ILE C 85 0.46 -33.53 8.96
C ILE C 85 -0.09 -33.60 10.38
N GLN C 86 0.81 -33.68 11.34
CA GLN C 86 0.44 -33.54 12.73
C GLN C 86 0.67 -32.13 13.24
N ASN C 87 -0.13 -31.76 14.25
CA ASN C 87 -0.09 -30.43 14.87
C ASN C 87 -0.25 -29.32 13.82
N ASP C 88 -1.25 -29.52 12.96
CA ASP C 88 -1.48 -28.69 11.77
C ASP C 88 -2.30 -27.46 12.17
N ILE C 89 -1.63 -26.49 12.77
CA ILE C 89 -2.27 -25.25 13.21
C ILE C 89 -1.29 -24.09 13.12
N MET C 90 -1.83 -22.92 12.76
CA MET C 90 -1.05 -21.72 12.52
C MET C 90 -1.88 -20.49 12.90
N LEU C 91 -1.22 -19.54 13.54
CA LEU C 91 -1.81 -18.24 13.83
C LEU C 91 -1.19 -17.19 12.91
N LEU C 92 -2.05 -16.37 12.33
CA LEU C 92 -1.67 -15.21 11.54
C LEU C 92 -1.98 -13.95 12.31
N GLN C 93 -0.95 -13.19 12.65
CA GLN C 93 -1.12 -11.86 13.20
C GLN C 93 -1.37 -10.93 12.03
N LEU C 94 -2.49 -10.23 12.06
CA LEU C 94 -2.84 -9.33 10.99
C LEU C 94 -2.03 -8.05 11.13
N SER C 95 -1.64 -7.47 9.99
CA SER C 95 -0.85 -6.24 10.01
C SER C 95 -1.62 -5.06 10.60
N ARG C 96 -2.94 -5.13 10.65
CA ARG C 96 -3.77 -4.14 11.33
C ARG C 96 -5.01 -4.84 11.86
N ARG C 97 -5.53 -4.35 12.99
CA ARG C 97 -6.79 -4.87 13.53
C ARG C 97 -7.91 -4.68 12.51
N VAL C 98 -8.83 -5.65 12.47
CA VAL C 98 -9.99 -5.52 11.60
C VAL C 98 -10.84 -4.36 12.11
N ARG C 99 -11.64 -3.81 11.20
CA ARG C 99 -12.77 -2.93 11.54
C ARG C 99 -13.97 -3.83 11.84
N ARG C 100 -14.29 -4.02 13.13
CA ARG C 100 -15.35 -4.96 13.50
C ARG C 100 -16.71 -4.39 13.14
N ASN C 101 -17.59 -5.26 12.61
CA ASN C 101 -18.92 -4.86 12.19
C ASN C 101 -19.74 -6.14 11.96
N ARG C 102 -20.96 -5.97 11.46
CA ARG C 102 -21.83 -7.12 11.29
C ARG C 102 -21.25 -8.14 10.33
N ASN C 103 -20.31 -7.71 9.47
CA ASN C 103 -19.76 -8.59 8.44
C ASN C 103 -18.41 -9.19 8.79
N VAL C 104 -17.74 -8.70 9.83
CA VAL C 104 -16.42 -9.15 10.19
C VAL C 104 -16.37 -9.22 11.70
N ASN C 105 -16.31 -10.41 12.25
CA ASN C 105 -16.36 -10.57 13.70
C ASN C 105 -15.71 -11.91 14.05
N PRO C 106 -15.06 -12.01 15.20
CA PRO C 106 -14.41 -13.27 15.55
C PRO C 106 -15.39 -14.35 16.00
N VAL C 107 -14.91 -15.60 15.96
CA VAL C 107 -15.67 -16.76 16.44
C VAL C 107 -15.04 -17.27 17.73
N ALA C 108 -15.91 -17.82 18.60
CA ALA C 108 -15.45 -18.31 19.88
C ALA C 108 -14.68 -19.62 19.71
N LEU C 109 -13.70 -19.80 20.59
CA LEU C 109 -12.95 -21.03 20.72
C LEU C 109 -13.51 -21.89 21.84
N PRO C 110 -13.19 -23.18 21.85
CA PRO C 110 -13.66 -24.05 22.92
C PRO C 110 -12.94 -23.75 24.23
N ARG C 111 -13.49 -24.33 25.29
CA ARG C 111 -12.83 -24.33 26.59
C ARG C 111 -11.67 -25.32 26.61
N ALA C 112 -10.75 -25.06 27.53
CA ALA C 112 -9.59 -25.92 27.69
C ALA C 112 -9.99 -27.39 27.77
N GLN C 113 -9.39 -28.21 26.88
CA GLN C 113 -9.54 -29.67 26.83
C GLN C 113 -10.98 -30.09 26.54
N GLU C 114 -11.78 -29.19 25.98
CA GLU C 114 -13.14 -29.56 25.63
C GLU C 114 -13.14 -30.64 24.55
N GLY C 115 -13.98 -31.65 24.75
CA GLY C 115 -14.17 -32.72 23.80
C GLY C 115 -15.29 -32.41 22.82
N LEU C 116 -15.63 -33.42 22.02
CA LEU C 116 -16.69 -33.27 21.01
C LEU C 116 -17.29 -34.66 20.77
N ARG C 117 -18.57 -34.84 21.14
CA ARG C 117 -19.23 -36.15 21.05
C ARG C 117 -19.25 -36.70 19.64
N PRO C 118 -18.76 -37.91 19.39
CA PRO C 118 -19.14 -38.60 18.15
C PRO C 118 -20.66 -38.54 18.00
N GLY C 119 -21.09 -38.27 16.77
CA GLY C 119 -22.47 -38.11 16.45
C GLY C 119 -22.92 -36.67 16.35
N THR C 120 -22.12 -35.75 16.87
CA THR C 120 -22.44 -34.33 16.80
C THR C 120 -22.39 -33.86 15.35
N LEU C 121 -23.39 -33.06 14.97
CA LEU C 121 -23.42 -32.44 13.65
C LEU C 121 -22.81 -31.04 13.73
N CYS C 122 -21.78 -30.81 12.93
CA CYS C 122 -21.06 -29.56 12.90
C CYS C 122 -21.19 -28.99 11.49
N THR C 123 -20.77 -27.74 11.34
CA THR C 123 -20.79 -27.08 10.05
C THR C 123 -19.35 -26.73 9.67
N VAL C 124 -19.03 -26.93 8.39
CA VAL C 124 -17.77 -26.48 7.79
C VAL C 124 -18.12 -25.58 6.62
N ALA C 125 -17.37 -24.49 6.47
CA ALA C 125 -17.60 -23.54 5.40
C ALA C 125 -16.28 -23.28 4.68
N GLY C 126 -16.38 -22.94 3.39
CA GLY C 126 -15.18 -22.59 2.66
C GLY C 126 -15.45 -22.23 1.22
N TRP C 127 -14.37 -21.82 0.56
CA TRP C 127 -14.39 -21.49 -0.85
C TRP C 127 -13.66 -22.53 -1.71
N GLY C 128 -13.48 -23.72 -1.19
CA GLY C 128 -12.83 -24.78 -1.92
C GLY C 128 -13.66 -25.31 -3.06
N ARG C 129 -13.02 -26.20 -3.82
CA ARG C 129 -13.70 -26.87 -4.92
C ARG C 129 -14.88 -27.70 -4.44
N VAL C 130 -15.85 -27.87 -5.33
CA VAL C 130 -17.08 -28.58 -4.98
C VAL C 130 -17.18 -29.97 -5.61
N SER C 131 -16.28 -30.31 -6.51
CA SER C 131 -16.22 -31.62 -7.15
C SER C 131 -14.86 -31.71 -7.83
N MET C 132 -14.64 -32.80 -8.56
CA MET C 132 -13.40 -32.87 -9.35
C MET C 132 -13.42 -31.96 -10.57
N ARG C 133 -14.57 -31.35 -10.90
CA ARG C 133 -14.66 -30.52 -12.11
C ARG C 133 -15.04 -29.07 -11.86
N ARG C 134 -15.64 -28.75 -10.73
CA ARG C 134 -16.21 -27.42 -10.55
C ARG C 134 -15.70 -26.78 -9.27
N GLY C 135 -15.64 -25.45 -9.28
CA GLY C 135 -15.40 -24.68 -8.07
C GLY C 135 -16.52 -23.73 -7.71
N THR C 136 -16.23 -22.75 -6.85
CA THR C 136 -17.20 -21.77 -6.39
C THR C 136 -16.52 -20.43 -6.26
N ASP C 137 -17.23 -19.37 -6.62
CA ASP C 137 -16.76 -18.04 -6.27
C ASP C 137 -17.28 -17.58 -4.92
N THR C 138 -18.32 -18.23 -4.40
CA THR C 138 -18.99 -17.79 -3.20
C THR C 138 -18.81 -18.82 -2.09
N LEU C 139 -18.87 -18.33 -0.86
CA LEU C 139 -18.77 -19.20 0.30
C LEU C 139 -19.88 -20.24 0.31
N ARG C 140 -19.48 -21.47 0.62
CA ARG C 140 -20.41 -22.59 0.75
C ARG C 140 -20.21 -23.27 2.09
N GLU C 141 -21.20 -24.05 2.50
CA GLU C 141 -21.13 -24.70 3.80
C GLU C 141 -21.82 -26.05 3.74
N VAL C 142 -21.44 -26.94 4.66
CA VAL C 142 -22.05 -28.26 4.73
C VAL C 142 -22.02 -28.73 6.18
N GLN C 143 -23.01 -29.56 6.53
CA GLN C 143 -23.03 -30.18 7.85
C GLN C 143 -22.36 -31.56 7.81
N LEU C 144 -21.41 -31.77 8.72
CA LEU C 144 -20.66 -33.01 8.81
C LEU C 144 -20.82 -33.59 10.19
N ARG C 145 -20.87 -34.92 10.28
CA ARG C 145 -21.04 -35.58 11.55
C ARG C 145 -19.72 -36.11 12.10
N VAL C 146 -19.44 -35.77 13.35
CA VAL C 146 -18.27 -36.28 14.05
C VAL C 146 -18.35 -37.80 14.17
N GLN C 147 -17.25 -38.47 13.85
CA GLN C 147 -17.15 -39.92 13.90
C GLN C 147 -16.38 -40.37 15.14
N ARG C 148 -16.57 -41.64 15.51
CA ARG C 148 -15.74 -42.23 16.56
C ARG C 148 -14.28 -42.25 16.12
N ASP C 149 -13.37 -42.02 17.07
CA ASP C 149 -11.94 -42.06 16.77
C ASP C 149 -11.54 -43.40 16.18
N ARG C 150 -12.30 -44.46 16.51
CA ARG C 150 -12.06 -45.79 15.99
C ARG C 150 -11.88 -45.81 14.48
N GLN C 151 -12.73 -45.07 13.76
CA GLN C 151 -12.66 -45.13 12.31
C GLN C 151 -11.37 -44.54 11.79
N CYS C 152 -11.01 -43.33 12.25
CA CYS C 152 -9.82 -42.69 11.72
C CYS C 152 -8.55 -43.41 12.16
N LEU C 153 -8.56 -44.05 13.34
CA LEU C 153 -7.43 -44.89 13.75
C LEU C 153 -7.19 -46.01 12.75
N ARG C 154 -8.27 -46.65 12.27
CA ARG C 154 -8.10 -47.70 11.28
C ARG C 154 -7.62 -47.14 9.95
N ILE C 155 -8.12 -45.97 9.57
CA ILE C 155 -7.94 -45.49 8.20
C ILE C 155 -6.63 -44.73 8.02
N PHE C 156 -6.22 -43.95 9.01
CA PHE C 156 -5.13 -43.01 8.88
C PHE C 156 -4.08 -43.38 9.90
N GLY C 157 -2.94 -43.88 9.44
CA GLY C 157 -1.99 -44.45 10.38
C GLY C 157 -1.43 -43.47 11.39
N SER C 158 -1.42 -42.17 11.09
CA SER C 158 -0.86 -41.19 12.01
C SER C 158 -1.92 -40.39 12.77
N TYR C 159 -3.17 -40.79 12.68
CA TYR C 159 -4.24 -40.13 13.41
C TYR C 159 -4.02 -40.21 14.91
N ASP C 160 -4.19 -39.08 15.59
CA ASP C 160 -4.02 -39.01 17.04
C ASP C 160 -5.24 -38.37 17.68
N PRO C 161 -6.13 -39.17 18.28
CA PRO C 161 -7.38 -38.61 18.84
C PRO C 161 -7.15 -37.54 19.89
N ARG C 162 -5.97 -37.47 20.50
CA ARG C 162 -5.74 -36.42 21.48
C ARG C 162 -5.61 -35.05 20.83
N ARG C 163 -5.25 -34.99 19.55
CA ARG C 163 -4.96 -33.71 18.91
C ARG C 163 -5.73 -33.50 17.61
N GLN C 164 -6.54 -34.47 17.20
CA GLN C 164 -7.29 -34.43 15.96
C GLN C 164 -8.69 -34.97 16.18
N ILE C 165 -9.57 -34.65 15.24
CA ILE C 165 -10.98 -35.03 15.20
C ILE C 165 -11.25 -35.78 13.90
N CYS C 166 -12.05 -36.85 13.99
CA CYS C 166 -12.44 -37.67 12.86
C CYS C 166 -13.82 -37.17 12.41
N VAL C 167 -13.94 -36.73 11.16
CA VAL C 167 -15.12 -35.96 10.75
C VAL C 167 -15.66 -36.43 9.42
N GLY C 168 -16.96 -36.71 9.39
CA GLY C 168 -17.66 -36.98 8.16
C GLY C 168 -18.09 -38.43 8.03
N ASP C 169 -19.38 -38.61 7.86
CA ASP C 169 -19.94 -39.93 7.64
C ASP C 169 -19.71 -40.35 6.20
N ARG C 170 -19.01 -41.47 6.02
CA ARG C 170 -18.73 -41.96 4.68
C ARG C 170 -20.01 -42.30 3.90
N ARG C 171 -21.13 -42.48 4.58
CA ARG C 171 -22.36 -42.79 3.88
C ARG C 171 -23.02 -41.55 3.28
N GLU C 172 -22.50 -40.36 3.54
CA GLU C 172 -22.98 -39.13 2.95
C GLU C 172 -21.92 -38.57 1.99
N ARG C 173 -22.37 -38.05 0.85
CA ARG C 173 -21.49 -37.37 -0.10
C ARG C 173 -21.35 -35.92 0.32
N LYS C 174 -20.69 -35.73 1.47
CA LYS C 174 -20.47 -34.42 2.05
C LYS C 174 -19.06 -34.36 2.61
N ALA C 175 -18.34 -33.28 2.31
CA ALA C 175 -16.97 -33.19 2.79
C ALA C 175 -16.40 -31.80 2.62
N ALA C 176 -15.34 -31.53 3.36
CA ALA C 176 -14.44 -30.45 3.00
C ALA C 176 -13.55 -30.91 1.84
N PHE C 177 -13.14 -29.98 0.99
CA PHE C 177 -12.35 -30.37 -0.18
C PHE C 177 -11.25 -29.34 -0.43
N LYS C 178 -10.69 -29.37 -1.63
CA LYS C 178 -9.45 -28.66 -1.89
C LYS C 178 -9.67 -27.15 -1.91
N GLY C 179 -8.97 -26.45 -1.01
CA GLY C 179 -9.15 -25.05 -0.75
C GLY C 179 -9.90 -24.73 0.52
N ASP C 180 -10.50 -25.74 1.16
CA ASP C 180 -11.18 -25.56 2.42
C ASP C 180 -10.28 -25.72 3.65
N SER C 181 -9.07 -26.26 3.49
CA SER C 181 -8.07 -26.31 4.56
C SER C 181 -8.01 -25.02 5.35
N GLY C 182 -7.89 -25.13 6.67
CA GLY C 182 -7.79 -23.97 7.51
C GLY C 182 -9.10 -23.44 8.03
N GLY C 183 -10.21 -23.78 7.40
CA GLY C 183 -11.49 -23.32 7.85
C GLY C 183 -11.93 -24.06 9.08
N PRO C 184 -12.93 -23.51 9.77
CA PRO C 184 -13.36 -24.07 11.05
C PRO C 184 -14.40 -25.17 10.90
N LEU C 185 -14.40 -26.04 11.92
CA LEU C 185 -15.50 -26.96 12.20
C LEU C 185 -16.30 -26.31 13.31
N LEU C 186 -17.54 -25.93 13.02
CA LEU C 186 -18.38 -25.16 13.96
C LEU C 186 -19.44 -26.08 14.55
N CYS C 187 -19.44 -26.20 15.88
CA CYS C 187 -20.41 -27.00 16.61
C CYS C 187 -20.95 -26.08 17.71
N ASN C 188 -22.26 -25.82 17.67
CA ASN C 188 -22.90 -24.84 18.55
C ASN C 188 -22.16 -23.51 18.59
N ASN C 189 -21.74 -23.01 17.41
CA ASN C 189 -21.15 -21.68 17.26
C ASN C 189 -19.84 -21.54 18.03
N VAL C 190 -19.10 -22.63 18.16
CA VAL C 190 -17.73 -22.64 18.67
C VAL C 190 -16.88 -23.37 17.65
N ALA C 191 -15.70 -22.81 17.35
CA ALA C 191 -14.77 -23.42 16.38
C ALA C 191 -13.98 -24.51 17.08
N HIS C 192 -14.40 -25.77 16.90
CA HIS C 192 -13.76 -26.92 17.53
C HIS C 192 -12.63 -27.52 16.70
N GLY C 193 -12.65 -27.33 15.39
CA GLY C 193 -11.69 -27.99 14.53
C GLY C 193 -11.21 -27.06 13.44
N ILE C 194 -10.14 -27.49 12.79
CA ILE C 194 -9.54 -26.85 11.63
C ILE C 194 -9.43 -27.92 10.54
N VAL C 195 -9.99 -27.63 9.38
CA VAL C 195 -9.90 -28.55 8.24
C VAL C 195 -8.43 -28.79 7.94
N SER C 196 -8.03 -30.08 7.88
CA SER C 196 -6.62 -30.42 7.70
C SER C 196 -6.39 -31.33 6.50
N TYR C 197 -6.80 -32.59 6.54
CA TYR C 197 -6.49 -33.49 5.42
C TYR C 197 -7.52 -34.58 5.26
N GLY C 198 -7.43 -35.26 4.12
CA GLY C 198 -8.29 -36.39 3.83
C GLY C 198 -7.69 -37.15 2.67
N LYS C 199 -8.56 -37.62 1.77
CA LYS C 199 -8.21 -38.30 0.54
C LYS C 199 -8.42 -37.36 -0.65
N SER C 200 -7.70 -37.62 -1.75
CA SER C 200 -7.81 -36.73 -2.90
C SER C 200 -9.15 -36.87 -3.60
N SER C 201 -9.78 -38.03 -3.46
CA SER C 201 -11.12 -38.27 -3.96
C SER C 201 -12.15 -37.39 -3.28
N GLY C 202 -11.80 -36.91 -2.11
CA GLY C 202 -12.78 -36.33 -1.23
C GLY C 202 -13.65 -37.17 -0.34
N VAL C 203 -13.37 -38.47 -0.34
CA VAL C 203 -14.17 -39.44 0.41
C VAL C 203 -13.94 -39.35 1.91
N PRO C 204 -15.04 -39.26 2.69
CA PRO C 204 -14.92 -39.17 4.14
C PRO C 204 -14.45 -40.49 4.74
N PRO C 205 -14.12 -40.52 6.04
CA PRO C 205 -13.91 -39.36 6.93
C PRO C 205 -12.64 -38.62 6.61
N GLU C 206 -12.57 -37.42 7.15
CA GLU C 206 -11.45 -36.50 7.05
C GLU C 206 -10.94 -36.15 8.44
N VAL C 207 -9.73 -35.62 8.49
CA VAL C 207 -9.04 -35.33 9.74
C VAL C 207 -8.98 -33.82 9.92
N PHE C 208 -9.43 -33.37 11.07
CA PHE C 208 -9.43 -31.98 11.49
C PHE C 208 -8.49 -31.83 12.68
N THR C 209 -7.82 -30.69 12.78
CA THR C 209 -7.07 -30.38 13.99
C THR C 209 -8.04 -30.06 15.11
N ARG C 210 -7.77 -30.59 16.31
CA ARG C 210 -8.66 -30.38 17.48
C ARG C 210 -8.21 -29.14 18.24
N VAL C 211 -8.89 -28.03 18.02
CA VAL C 211 -8.44 -26.73 18.54
C VAL C 211 -8.23 -26.76 20.04
N SER C 212 -9.14 -27.41 20.79
CA SER C 212 -9.03 -27.33 22.25
C SER C 212 -7.70 -27.90 22.76
N SER C 213 -7.07 -28.82 22.01
CA SER C 213 -5.79 -29.37 22.43
C SER C 213 -4.65 -28.38 22.34
N PHE C 214 -4.89 -27.21 21.71
CA PHE C 214 -3.85 -26.22 21.47
C PHE C 214 -4.12 -24.88 22.16
N LEU C 215 -5.08 -24.82 23.09
CA LEU C 215 -5.39 -23.50 23.69
C LEU C 215 -4.23 -22.85 24.44
N PRO C 216 -3.42 -23.55 25.24
CA PRO C 216 -2.27 -22.87 25.88
C PRO C 216 -1.35 -22.21 24.87
N TRP C 217 -1.04 -22.91 23.77
CA TRP C 217 -0.20 -22.34 22.74
C TRP C 217 -0.88 -21.16 22.06
N ILE C 218 -2.18 -21.28 21.77
CA ILE C 218 -2.91 -20.18 21.16
C ILE C 218 -2.85 -18.95 22.07
N ARG C 219 -3.18 -19.12 23.36
CA ARG C 219 -3.22 -17.97 24.25
C ARG C 219 -1.83 -17.34 24.41
N THR C 220 -0.81 -18.17 24.52
CA THR C 220 0.55 -17.67 24.67
C THR C 220 1.03 -16.92 23.43
N THR C 221 0.70 -17.44 22.25
CA THR C 221 1.12 -16.81 21.01
C THR C 221 0.45 -15.46 20.79
N MET C 222 -0.80 -15.32 21.19
CA MET C 222 -1.55 -14.09 20.96
C MET C 222 -1.19 -13.02 21.96
N ARG C 223 -0.59 -13.40 23.09
CA ARG C 223 -0.16 -12.47 24.14
C ARG C 223 1.14 -11.79 23.77
N ILE D 1 8.51 27.94 13.38
CA ILE D 1 8.35 28.75 14.61
C ILE D 1 9.57 29.67 14.76
N ILE D 2 9.30 30.99 14.86
CA ILE D 2 10.35 32.00 15.09
C ILE D 2 10.40 32.32 16.59
N GLY D 3 11.61 32.31 17.13
CA GLY D 3 11.85 32.74 18.50
C GLY D 3 11.43 31.76 19.57
N GLY D 4 11.24 30.50 19.21
CA GLY D 4 10.76 29.50 20.14
C GLY D 4 11.87 28.60 20.62
N ARG D 5 11.47 27.43 21.10
CA ARG D 5 12.40 26.48 21.69
C ARG D 5 12.01 25.08 21.25
N GLU D 6 12.97 24.17 21.29
CA GLU D 6 12.65 22.80 20.96
C GLU D 6 11.64 22.24 21.96
N SER D 7 10.60 21.58 21.47
CA SER D 7 9.63 21.00 22.37
C SER D 7 10.20 19.74 23.01
N ARG D 8 9.80 19.49 24.25
CA ARG D 8 10.09 18.20 24.86
C ARG D 8 9.44 17.12 24.00
N PRO D 9 10.18 16.08 23.62
CA PRO D 9 9.60 15.05 22.74
C PRO D 9 8.29 14.47 23.26
N HIS D 10 7.29 14.52 22.39
CA HIS D 10 6.00 13.88 22.59
C HIS D 10 5.19 14.56 23.67
N SER D 11 5.56 15.79 24.03
CA SER D 11 4.78 16.55 24.99
C SER D 11 3.54 17.17 24.38
N ARG D 12 3.42 17.17 23.04
CA ARG D 12 2.24 17.67 22.34
C ARG D 12 1.74 16.57 21.39
N PRO D 13 1.12 15.54 21.95
CA PRO D 13 0.84 14.32 21.20
C PRO D 13 -0.29 14.46 20.21
N TYR D 14 -0.94 15.60 20.18
CA TYR D 14 -1.94 15.91 19.17
C TYR D 14 -1.33 16.50 17.90
N MET D 15 -0.06 16.84 17.88
CA MET D 15 0.50 17.52 16.70
C MET D 15 0.61 16.60 15.50
N ALA D 16 0.30 17.14 14.33
CA ALA D 16 0.33 16.39 13.08
C ALA D 16 1.18 17.15 12.07
N TYR D 17 1.97 16.40 11.33
CA TYR D 17 2.77 16.92 10.22
C TYR D 17 2.15 16.45 8.93
N LEU D 18 1.83 17.39 8.03
CA LEU D 18 1.15 17.10 6.79
C LEU D 18 2.05 17.30 5.58
N GLN D 19 2.03 16.33 4.68
CA GLN D 19 2.69 16.37 3.39
C GLN D 19 1.60 16.37 2.33
N ILE D 20 1.62 17.37 1.45
CA ILE D 20 0.54 17.66 0.53
C ILE D 20 1.09 17.71 -0.90
N GLN D 21 0.41 17.02 -1.81
CA GLN D 21 0.79 17.04 -3.22
C GLN D 21 0.09 18.19 -3.94
N SER D 22 0.82 18.90 -4.76
CA SER D 22 0.25 19.95 -5.60
C SER D 22 0.60 19.69 -7.04
N PRO D 23 0.04 20.48 -7.96
CA PRO D 23 0.22 20.17 -9.39
C PRO D 23 1.63 20.34 -9.88
N ALA D 24 2.45 21.11 -9.18
CA ALA D 24 3.79 21.41 -9.66
C ALA D 24 4.83 21.27 -8.56
N GLY D 25 4.51 20.58 -7.50
CA GLY D 25 5.42 20.43 -6.38
C GLY D 25 4.62 19.96 -5.18
N GLN D 26 5.07 20.36 -4.00
CA GLN D 26 4.45 19.89 -2.78
C GLN D 26 4.37 21.00 -1.75
N SER D 27 3.61 20.76 -0.69
CA SER D 27 3.57 21.68 0.43
C SER D 27 3.64 20.89 1.73
N ARG D 28 3.94 21.62 2.80
CA ARG D 28 4.02 21.09 4.15
C ARG D 28 3.23 22.02 5.08
N CYS D 29 2.48 21.43 6.02
CA CYS D 29 1.63 22.15 6.96
C CYS D 29 1.75 21.42 8.29
N GLY D 30 1.22 22.04 9.33
CA GLY D 30 0.86 21.33 10.54
C GLY D 30 -0.64 21.07 10.61
N GLY D 31 -1.03 20.49 11.73
CA GLY D 31 -2.39 20.11 11.96
C GLY D 31 -2.43 19.55 13.36
N PHE D 32 -3.65 19.25 13.80
CA PHE D 32 -3.79 18.66 15.12
C PHE D 32 -4.96 17.68 15.20
N LEU D 33 -4.71 16.59 15.92
CA LEU D 33 -5.71 15.54 16.12
C LEU D 33 -6.82 16.03 17.06
N VAL D 34 -8.08 15.89 16.62
CA VAL D 34 -9.23 16.32 17.41
C VAL D 34 -10.16 15.17 17.74
N ARG D 35 -9.99 14.03 17.08
CA ARG D 35 -10.67 12.79 17.37
C ARG D 35 -9.80 11.69 16.78
N GLU D 36 -10.03 10.45 17.19
CA GLU D 36 -9.18 9.37 16.71
C GLU D 36 -9.12 9.30 15.19
N ASP D 37 -10.12 9.85 14.50
CA ASP D 37 -10.24 9.73 13.04
C ASP D 37 -10.17 11.07 12.31
N PHE D 38 -9.93 12.17 12.99
CA PHE D 38 -10.00 13.50 12.39
C PHE D 38 -8.84 14.39 12.82
N VAL D 39 -8.28 15.10 11.85
CA VAL D 39 -7.27 16.12 12.10
C VAL D 39 -7.82 17.44 11.60
N LEU D 40 -7.60 18.50 12.37
CA LEU D 40 -7.94 19.87 11.97
C LEU D 40 -6.69 20.57 11.46
N THR D 41 -6.85 21.37 10.40
CA THR D 41 -5.78 22.11 9.78
C THR D 41 -6.40 23.31 9.07
N ALA D 42 -5.57 24.01 8.30
CA ALA D 42 -6.02 25.16 7.51
C ALA D 42 -6.48 24.73 6.12
N ALA D 43 -7.50 25.43 5.60
CA ALA D 43 -8.03 25.11 4.26
C ALA D 43 -7.01 25.38 3.15
N HIS D 44 -6.11 26.36 3.34
CA HIS D 44 -5.11 26.63 2.31
C HIS D 44 -4.06 25.52 2.17
N CYS D 45 -4.11 24.50 3.00
CA CYS D 45 -3.23 23.34 2.92
C CYS D 45 -3.83 22.21 2.10
N TRP D 46 -4.97 22.43 1.45
CA TRP D 46 -5.60 21.37 0.69
C TRP D 46 -4.71 20.94 -0.48
N GLY D 47 -4.75 19.65 -0.78
CA GLY D 47 -4.06 19.09 -1.93
C GLY D 47 -4.61 17.72 -2.22
N SER D 48 -4.09 17.08 -3.28
CA SER D 48 -4.86 16.00 -3.88
C SER D 48 -4.61 14.65 -3.20
N ASN D 49 -3.42 14.49 -2.59
CA ASN D 49 -3.01 13.37 -1.76
C ASN D 49 -2.43 14.09 -0.55
N ILE D 50 -2.86 13.71 0.65
CA ILE D 50 -2.35 14.30 1.89
C ILE D 50 -1.96 13.16 2.81
N ASN D 51 -0.73 13.17 3.28
CA ASN D 51 -0.23 12.19 4.24
C ASN D 51 -0.04 12.87 5.59
N VAL D 52 -0.54 12.22 6.64
CA VAL D 52 -0.52 12.76 7.99
C VAL D 52 0.44 11.91 8.80
N THR D 53 1.38 12.54 9.47
CA THR D 53 2.29 11.88 10.41
C THR D 53 1.98 12.32 11.83
N LEU D 54 1.61 11.35 12.66
CA LEU D 54 1.34 11.55 14.07
C LEU D 54 2.46 10.90 14.89
N GLY D 55 2.63 11.40 16.09
CA GLY D 55 3.54 10.78 17.04
C GLY D 55 4.98 11.14 16.81
N ALA D 56 5.24 12.19 16.02
CA ALA D 56 6.60 12.51 15.65
C ALA D 56 7.22 13.56 16.56
N HIS D 57 8.53 13.48 16.68
CA HIS D 57 9.31 14.61 17.17
C HIS D 57 10.30 15.06 16.11
N ASN D 58 11.25 14.22 15.72
CA ASN D 58 12.11 14.43 14.58
C ASN D 58 11.45 13.82 13.35
N ILE D 59 10.91 14.67 12.47
CA ILE D 59 10.18 14.18 11.31
C ILE D 59 11.12 13.66 10.23
N GLN D 60 12.41 13.95 10.34
CA GLN D 60 13.39 13.43 9.40
C GLN D 60 13.93 12.07 9.81
N ARG D 61 13.44 11.49 10.91
CA ARG D 61 13.82 10.17 11.36
C ARG D 61 12.64 9.21 11.31
N ARG D 62 12.95 7.92 11.13
CA ARG D 62 11.94 6.87 11.17
C ARG D 62 11.66 6.48 12.62
N GLU D 63 11.13 7.43 13.37
CA GLU D 63 10.87 7.18 14.78
C GLU D 63 9.82 6.08 14.97
N ASN D 64 10.07 5.20 15.93
CA ASN D 64 9.15 4.08 16.19
C ASN D 64 7.79 4.55 16.67
N THR D 65 7.69 5.78 17.18
CA THR D 65 6.43 6.33 17.65
C THR D 65 5.55 6.86 16.52
N GLN D 66 6.08 6.97 15.30
CA GLN D 66 5.36 7.66 14.24
C GLN D 66 4.31 6.74 13.64
N GLN D 67 3.13 7.30 13.41
CA GLN D 67 2.08 6.66 12.62
C GLN D 67 1.85 7.53 11.40
N HIS D 68 1.98 6.93 10.22
CA HIS D 68 1.69 7.61 8.96
C HIS D 68 0.35 7.15 8.43
N ILE D 69 -0.55 8.09 8.17
CA ILE D 69 -1.92 7.78 7.79
C ILE D 69 -2.32 8.72 6.67
N THR D 70 -2.81 8.18 5.56
CA THR D 70 -3.32 9.05 4.51
C THR D 70 -4.68 9.60 4.90
N ALA D 71 -4.97 10.81 4.41
CA ALA D 71 -6.28 11.41 4.58
C ALA D 71 -7.26 10.79 3.59
N ARG D 72 -8.33 10.20 4.12
CA ARG D 72 -9.36 9.63 3.26
C ARG D 72 -10.15 10.72 2.56
N ARG D 73 -10.50 11.77 3.29
CA ARG D 73 -11.21 12.91 2.76
C ARG D 73 -10.59 14.17 3.33
N ALA D 74 -10.65 15.25 2.57
CA ALA D 74 -10.16 16.55 3.00
C ALA D 74 -11.28 17.57 2.80
N ILE D 75 -11.91 17.99 3.90
CA ILE D 75 -13.14 18.78 3.86
C ILE D 75 -12.81 20.24 4.20
N ARG D 76 -12.68 21.07 3.17
CA ARG D 76 -12.50 22.50 3.38
C ARG D 76 -13.81 23.11 3.80
N HIS D 77 -13.75 24.15 4.63
CA HIS D 77 -14.96 24.89 4.94
C HIS D 77 -15.60 25.39 3.65
N PRO D 78 -16.91 25.24 3.47
CA PRO D 78 -17.53 25.66 2.20
C PRO D 78 -17.47 27.16 1.91
N GLN D 79 -17.24 28.01 2.90
CA GLN D 79 -17.11 29.44 2.69
C GLN D 79 -15.65 29.90 2.70
N TYR D 80 -14.71 28.97 2.64
CA TYR D 80 -13.29 29.32 2.48
C TYR D 80 -13.12 30.27 1.30
N ASN D 81 -12.39 31.36 1.51
CA ASN D 81 -12.16 32.37 0.46
C ASN D 81 -10.65 32.50 0.29
N GLN D 82 -10.13 31.92 -0.79
CA GLN D 82 -8.68 31.90 -0.96
C GLN D 82 -8.09 33.27 -1.20
N ARG D 83 -8.88 34.24 -1.64
CA ARG D 83 -8.33 35.56 -1.90
C ARG D 83 -8.04 36.31 -0.62
N THR D 84 -9.03 36.33 0.28
CA THR D 84 -8.95 37.01 1.57
C THR D 84 -8.45 36.11 2.69
N ILE D 85 -8.38 34.80 2.45
CA ILE D 85 -7.99 33.79 3.43
C ILE D 85 -8.96 33.87 4.60
N GLN D 86 -10.25 33.94 4.30
CA GLN D 86 -11.30 33.87 5.32
C GLN D 86 -11.83 32.44 5.42
N ASN D 87 -12.33 32.09 6.60
CA ASN D 87 -12.86 30.75 6.88
C ASN D 87 -11.84 29.67 6.54
N ASP D 88 -10.59 29.90 7.00
CA ASP D 88 -9.42 29.06 6.66
C ASP D 88 -9.33 27.88 7.64
N ILE D 89 -10.16 26.87 7.40
CA ILE D 89 -10.25 25.69 8.25
C ILE D 89 -10.64 24.49 7.41
N MET D 90 -10.10 23.33 7.77
CA MET D 90 -10.28 22.11 7.01
C MET D 90 -10.19 20.92 7.97
N LEU D 91 -11.09 19.96 7.77
CA LEU D 91 -11.03 18.69 8.46
C LEU D 91 -10.51 17.58 7.55
N LEU D 92 -9.60 16.79 8.07
CA LEU D 92 -9.07 15.63 7.38
C LEU D 92 -9.58 14.38 8.08
N GLN D 93 -10.36 13.57 7.35
CA GLN D 93 -10.75 12.25 7.84
C GLN D 93 -9.62 11.28 7.53
N LEU D 94 -9.09 10.65 8.57
CA LEU D 94 -8.02 9.70 8.39
C LEU D 94 -8.57 8.41 7.81
N SER D 95 -7.75 7.76 6.99
CA SER D 95 -8.12 6.48 6.39
C SER D 95 -8.37 5.42 7.45
N ARG D 96 -7.65 5.49 8.57
CA ARG D 96 -7.79 4.57 9.69
C ARG D 96 -7.68 5.38 10.97
N ARG D 97 -8.44 4.98 12.01
CA ARG D 97 -8.29 5.56 13.34
C ARG D 97 -6.85 5.40 13.79
N VAL D 98 -6.36 6.36 14.60
CA VAL D 98 -5.00 6.25 15.12
C VAL D 98 -4.93 5.11 16.14
N ARG D 99 -3.71 4.66 16.40
CA ARG D 99 -3.40 3.83 17.58
C ARG D 99 -3.13 4.79 18.73
N ARG D 100 -4.11 4.95 19.62
CA ARG D 100 -3.99 5.93 20.68
C ARG D 100 -3.00 5.46 21.75
N ASN D 101 -2.16 6.37 22.22
CA ASN D 101 -1.18 6.02 23.24
C ASN D 101 -0.59 7.30 23.81
N ARG D 102 0.47 7.14 24.61
CA ARG D 102 1.11 8.29 25.23
C ARG D 102 1.57 9.30 24.20
N ASN D 103 1.84 8.86 22.97
CA ASN D 103 2.46 9.73 21.97
C ASN D 103 1.49 10.23 20.92
N VAL D 104 0.25 9.73 20.89
CA VAL D 104 -0.74 10.12 19.90
C VAL D 104 -2.09 10.20 20.61
N ASN D 105 -2.59 11.42 20.81
CA ASN D 105 -3.82 11.66 21.55
C ASN D 105 -4.44 12.97 21.10
N PRO D 106 -5.77 13.08 21.06
CA PRO D 106 -6.39 14.32 20.61
C PRO D 106 -6.31 15.43 21.64
N VAL D 107 -6.52 16.64 21.16
CA VAL D 107 -6.56 17.86 21.95
C VAL D 107 -8.01 18.36 22.01
N ALA D 108 -8.35 18.97 23.14
CA ALA D 108 -9.68 19.46 23.36
C ALA D 108 -9.93 20.75 22.58
N LEU D 109 -11.17 20.94 22.16
CA LEU D 109 -11.62 22.16 21.53
C LEU D 109 -12.36 23.04 22.52
N PRO D 110 -12.52 24.31 22.19
CA PRO D 110 -13.28 25.22 23.05
C PRO D 110 -14.76 24.93 22.99
N ARG D 111 -15.48 25.54 23.93
CA ARG D 111 -16.92 25.57 23.84
C ARG D 111 -17.36 26.44 22.67
N ALA D 112 -18.56 26.18 22.14
CA ALA D 112 -19.06 26.97 21.03
C ALA D 112 -19.12 28.46 21.40
N GLN D 113 -18.61 29.30 20.49
CA GLN D 113 -18.65 30.76 20.59
C GLN D 113 -17.78 31.29 21.73
N GLU D 114 -16.94 30.44 22.29
CA GLU D 114 -16.05 30.85 23.35
C GLU D 114 -15.06 31.90 22.86
N GLY D 115 -14.90 32.99 23.60
CA GLY D 115 -13.94 34.02 23.25
C GLY D 115 -12.57 33.72 23.80
N LEU D 116 -11.67 34.69 23.62
CA LEU D 116 -10.30 34.55 24.11
C LEU D 116 -9.79 35.94 24.45
N ARG D 117 -9.56 36.21 25.74
CA ARG D 117 -9.29 37.57 26.16
C ARG D 117 -7.95 38.07 25.62
N PRO D 118 -7.89 39.29 25.06
CA PRO D 118 -6.60 39.90 24.75
C PRO D 118 -5.71 39.89 25.98
N GLY D 119 -4.41 39.66 25.76
CA GLY D 119 -3.45 39.51 26.83
C GLY D 119 -3.17 38.08 27.24
N THR D 120 -4.06 37.16 26.89
CA THR D 120 -3.85 35.75 27.18
C THR D 120 -2.58 35.23 26.50
N LEU D 121 -1.78 34.50 27.25
CA LEU D 121 -0.57 33.87 26.76
C LEU D 121 -0.94 32.47 26.26
N CYS D 122 -0.61 32.19 25.00
CA CYS D 122 -0.93 30.94 24.36
C CYS D 122 0.33 30.35 23.76
N THR D 123 0.28 29.09 23.38
CA THR D 123 1.42 28.41 22.79
C THR D 123 1.06 27.92 21.38
N VAL D 124 1.99 28.09 20.47
CA VAL D 124 1.89 27.50 19.13
C VAL D 124 3.12 26.65 18.90
N ALA D 125 2.94 25.56 18.16
CA ALA D 125 3.98 24.59 17.91
C ALA D 125 3.97 24.19 16.45
N GLY D 126 5.13 23.78 15.96
CA GLY D 126 5.18 23.31 14.58
C GLY D 126 6.58 22.94 14.16
N TRP D 127 6.66 22.47 12.92
CA TRP D 127 7.90 22.10 12.25
C TRP D 127 8.29 23.12 11.19
N GLY D 128 7.71 24.30 11.22
CA GLY D 128 8.01 25.29 10.21
C GLY D 128 9.41 25.87 10.33
N ARG D 129 9.72 26.75 9.39
CA ARG D 129 11.01 27.43 9.38
C ARG D 129 11.14 28.34 10.59
N VAL D 130 12.39 28.57 11.01
CA VAL D 130 12.66 29.36 12.21
C VAL D 130 13.24 30.73 11.91
N SER D 131 13.55 31.01 10.65
CA SER D 131 14.07 32.29 10.22
C SER D 131 13.92 32.29 8.70
N MET D 132 14.35 33.38 8.07
CA MET D 132 14.35 33.42 6.62
C MET D 132 15.46 32.56 6.02
N ARG D 133 16.32 31.94 6.83
CA ARG D 133 17.37 31.09 6.30
C ARG D 133 17.67 29.84 7.13
N ARG D 134 16.74 29.36 7.96
CA ARG D 134 17.01 28.16 8.73
C ARG D 134 15.69 27.43 9.02
N GLY D 135 15.77 26.11 9.10
CA GLY D 135 14.65 25.28 9.45
C GLY D 135 14.88 24.49 10.72
N THR D 136 14.06 23.46 10.90
CA THR D 136 14.16 22.53 12.01
C THR D 136 13.73 21.15 11.52
N ASP D 137 14.35 20.13 12.09
CA ASP D 137 13.84 18.78 11.92
C ASP D 137 12.92 18.36 13.06
N THR D 138 12.96 19.05 14.20
CA THR D 138 12.24 18.69 15.40
C THR D 138 11.16 19.71 15.73
N LEU D 139 10.13 19.25 16.45
CA LEU D 139 9.03 20.13 16.82
C LEU D 139 9.51 21.24 17.74
N ARG D 140 9.05 22.45 17.46
CA ARG D 140 9.37 23.63 18.25
C ARG D 140 8.10 24.31 18.68
N GLU D 141 8.22 25.16 19.70
CA GLU D 141 7.05 25.88 20.19
C GLU D 141 7.47 27.25 20.72
N VAL D 142 6.47 28.13 20.78
CA VAL D 142 6.69 29.50 21.24
C VAL D 142 5.41 30.00 21.90
N GLN D 143 5.58 30.84 22.91
CA GLN D 143 4.46 31.46 23.57
C GLN D 143 4.17 32.82 22.94
N LEU D 144 2.92 33.03 22.56
CA LEU D 144 2.47 34.27 21.94
C LEU D 144 1.32 34.86 22.73
N ARG D 145 1.21 36.18 22.69
CA ARG D 145 0.19 36.90 23.43
C ARG D 145 -0.95 37.32 22.50
N VAL D 146 -2.19 37.03 22.91
CA VAL D 146 -3.36 37.43 22.12
C VAL D 146 -3.48 38.94 22.14
N GLN D 147 -3.79 39.53 20.99
CA GLN D 147 -3.85 40.98 20.86
C GLN D 147 -5.31 41.42 20.78
N ARG D 148 -5.53 42.73 20.99
CA ARG D 148 -6.88 43.26 20.86
C ARG D 148 -7.29 43.19 19.40
N ASP D 149 -8.58 42.93 19.16
CA ASP D 149 -9.06 42.79 17.79
C ASP D 149 -8.82 44.06 16.99
N ARG D 150 -8.89 45.21 17.66
CA ARG D 150 -8.75 46.48 16.97
C ARG D 150 -7.39 46.63 16.30
N GLN D 151 -6.39 45.89 16.75
CA GLN D 151 -5.07 45.97 16.13
C GLN D 151 -5.03 45.24 14.78
N CYS D 152 -5.57 44.03 14.72
CA CYS D 152 -5.60 43.35 13.42
C CYS D 152 -6.61 44.00 12.49
N LEU D 153 -7.68 44.59 13.02
CA LEU D 153 -8.61 45.32 12.16
C LEU D 153 -7.89 46.41 11.41
N ARG D 154 -6.86 47.00 12.02
CA ARG D 154 -6.12 48.10 11.41
C ARG D 154 -5.08 47.61 10.41
N ILE D 155 -4.51 46.43 10.61
CA ILE D 155 -3.37 45.94 9.85
C ILE D 155 -3.81 45.12 8.63
N PHE D 156 -4.89 44.37 8.81
CA PHE D 156 -5.30 43.32 7.88
C PHE D 156 -6.71 43.65 7.42
N GLY D 157 -6.86 44.08 6.16
CA GLY D 157 -8.13 44.60 5.70
C GLY D 157 -9.28 43.61 5.74
N SER D 158 -9.00 42.31 5.71
CA SER D 158 -10.07 41.32 5.73
C SER D 158 -10.22 40.59 7.06
N TYR D 159 -9.58 41.07 8.12
CA TYR D 159 -9.68 40.44 9.42
C TYR D 159 -11.10 40.56 9.97
N ASP D 160 -11.61 39.47 10.51
CA ASP D 160 -12.97 39.39 11.04
C ASP D 160 -12.91 38.86 12.47
N PRO D 161 -13.06 39.74 13.47
CA PRO D 161 -12.97 39.29 14.86
C PRO D 161 -13.92 38.16 15.22
N ARG D 162 -15.03 38.00 14.49
CA ARG D 162 -15.95 36.94 14.85
C ARG D 162 -15.42 35.57 14.44
N ARG D 163 -14.48 35.51 13.50
CA ARG D 163 -14.02 34.24 12.98
C ARG D 163 -12.50 34.09 13.04
N GLN D 164 -11.78 35.11 13.49
CA GLN D 164 -10.33 35.05 13.53
C GLN D 164 -9.83 35.61 14.86
N ILE D 165 -8.56 35.33 15.15
CA ILE D 165 -7.87 35.81 16.33
C ILE D 165 -6.61 36.56 15.93
N CYS D 166 -6.32 37.66 16.64
CA CYS D 166 -5.13 38.49 16.43
C CYS D 166 -4.07 38.12 17.46
N VAL D 167 -2.92 37.66 16.98
CA VAL D 167 -1.97 36.97 17.87
C VAL D 167 -0.56 37.46 17.63
N GLY D 168 0.15 37.76 18.71
CA GLY D 168 1.55 38.05 18.64
C GLY D 168 1.85 39.50 18.92
N ASP D 169 2.70 39.71 19.92
CA ASP D 169 3.17 41.04 20.30
C ASP D 169 4.15 41.54 19.25
N ARG D 170 3.84 42.69 18.65
CA ARG D 170 4.66 43.20 17.55
C ARG D 170 6.10 43.49 17.97
N ARG D 171 6.38 43.66 19.25
CA ARG D 171 7.75 43.98 19.65
C ARG D 171 8.60 42.76 19.96
N GLU D 172 8.00 41.57 19.95
CA GLU D 172 8.73 40.33 20.23
C GLU D 172 9.01 39.61 18.93
N ARG D 173 10.25 39.14 18.75
CA ARG D 173 10.60 38.32 17.59
C ARG D 173 10.17 36.88 17.87
N LYS D 174 8.86 36.71 17.98
CA LYS D 174 8.22 35.41 18.22
C LYS D 174 7.02 35.29 17.29
N ALA D 175 6.95 34.19 16.54
CA ALA D 175 5.85 34.05 15.58
C ALA D 175 5.78 32.64 15.04
N ALA D 176 4.61 32.28 14.53
CA ALA D 176 4.48 31.11 13.67
C ALA D 176 4.96 31.50 12.29
N PHE D 177 5.55 30.56 11.57
CA PHE D 177 6.19 30.94 10.29
C PHE D 177 5.93 29.84 9.26
N LYS D 178 6.65 29.89 8.13
CA LYS D 178 6.32 29.07 6.97
C LYS D 178 6.42 27.58 7.31
N GLY D 179 5.33 26.86 7.12
CA GLY D 179 5.21 25.47 7.46
C GLY D 179 4.48 25.21 8.77
N ASP D 180 4.18 26.26 9.51
CA ASP D 180 3.42 26.15 10.74
C ASP D 180 1.91 26.27 10.55
N SER D 181 1.47 26.72 9.37
CA SER D 181 0.04 26.76 9.06
C SER D 181 -0.66 25.48 9.46
N GLY D 182 -1.87 25.62 10.00
CA GLY D 182 -2.62 24.46 10.35
C GLY D 182 -2.45 24.00 11.78
N GLY D 183 -1.36 24.36 12.43
CA GLY D 183 -1.11 23.97 13.79
C GLY D 183 -1.98 24.75 14.74
N PRO D 184 -2.07 24.27 15.97
CA PRO D 184 -2.99 24.87 16.94
C PRO D 184 -2.39 26.01 17.73
N LEU D 185 -3.27 26.91 18.16
CA LEU D 185 -2.99 27.92 19.19
C LEU D 185 -3.60 27.37 20.47
N LEU D 186 -2.77 27.07 21.46
CA LEU D 186 -3.22 26.36 22.66
C LEU D 186 -3.22 27.31 23.84
N CYS D 187 -4.37 27.43 24.50
CA CYS D 187 -4.54 28.33 25.64
C CYS D 187 -5.15 27.47 26.74
N ASN D 188 -4.37 27.17 27.77
CA ASN D 188 -4.79 26.28 28.87
C ASN D 188 -5.15 24.88 28.35
N ASN D 189 -4.31 24.34 27.48
CA ASN D 189 -4.46 22.98 26.97
C ASN D 189 -5.77 22.81 26.19
N VAL D 190 -6.22 23.87 25.52
CA VAL D 190 -7.36 23.82 24.61
C VAL D 190 -6.98 24.54 23.32
N ALA D 191 -7.40 23.97 22.19
CA ALA D 191 -7.00 24.51 20.89
C ALA D 191 -8.00 25.56 20.45
N HIS D 192 -7.65 26.83 20.64
CA HIS D 192 -8.51 27.93 20.28
C HIS D 192 -8.32 28.40 18.86
N GLY D 193 -7.13 28.21 18.30
CA GLY D 193 -6.86 28.78 16.99
C GLY D 193 -6.09 27.85 16.09
N ILE D 194 -6.08 28.21 14.82
CA ILE D 194 -5.38 27.50 13.75
C ILE D 194 -4.48 28.55 13.06
N VAL D 195 -3.18 28.26 12.98
CA VAL D 195 -2.28 29.18 12.28
C VAL D 195 -2.76 29.36 10.85
N SER D 196 -2.92 30.62 10.42
CA SER D 196 -3.45 30.89 9.08
C SER D 196 -2.50 31.77 8.27
N TYR D 197 -2.33 33.05 8.60
CA TYR D 197 -1.52 33.91 7.76
C TYR D 197 -0.90 35.07 8.54
N GLY D 198 0.03 35.74 7.88
CA GLY D 198 0.71 36.89 8.46
C GLY D 198 1.31 37.76 7.38
N LYS D 199 2.23 38.64 7.77
CA LYS D 199 3.07 39.37 6.83
C LYS D 199 4.27 38.52 6.43
N SER D 200 4.73 38.69 5.18
CA SER D 200 5.91 37.94 4.74
C SER D 200 7.14 38.24 5.58
N SER D 201 7.17 39.40 6.25
CA SER D 201 8.26 39.74 7.16
C SER D 201 8.46 38.71 8.25
N GLY D 202 7.38 38.03 8.59
CA GLY D 202 7.40 37.12 9.72
C GLY D 202 7.09 37.89 11.01
N VAL D 203 6.90 39.20 10.85
CA VAL D 203 6.60 40.11 11.96
C VAL D 203 5.11 40.08 12.33
N PRO D 204 4.82 40.12 13.64
CA PRO D 204 3.45 40.08 14.17
C PRO D 204 2.75 41.44 14.15
N PRO D 205 1.46 41.47 14.54
CA PRO D 205 0.71 40.22 14.78
C PRO D 205 0.38 39.39 13.53
N GLU D 206 -0.04 38.16 13.77
CA GLU D 206 -0.53 37.24 12.75
C GLU D 206 -2.00 36.91 12.99
N VAL D 207 -2.62 36.26 12.00
CA VAL D 207 -4.03 35.94 12.04
C VAL D 207 -4.20 34.43 12.11
N PHE D 208 -5.00 34.01 13.09
CA PHE D 208 -5.38 32.64 13.33
C PHE D 208 -6.88 32.48 13.11
N THR D 209 -7.28 31.32 12.62
CA THR D 209 -8.69 30.98 12.57
C THR D 209 -9.17 30.74 13.99
N ARG D 210 -10.34 31.29 14.31
CA ARG D 210 -10.95 31.11 15.64
C ARG D 210 -11.80 29.85 15.65
N VAL D 211 -11.27 28.80 16.27
CA VAL D 211 -11.91 27.48 16.23
C VAL D 211 -13.33 27.53 16.76
N SER D 212 -13.58 28.32 17.82
CA SER D 212 -14.90 28.28 18.46
C SER D 212 -16.00 28.81 17.56
N SER D 213 -15.67 29.59 16.54
CA SER D 213 -16.63 30.08 15.57
C SER D 213 -17.10 29.00 14.62
N PHE D 214 -16.43 27.86 14.56
CA PHE D 214 -16.73 26.82 13.59
C PHE D 214 -17.16 25.52 14.25
N LEU D 215 -17.48 25.51 15.54
CA LEU D 215 -17.78 24.24 16.16
C LEU D 215 -19.04 23.58 15.61
N PRO D 216 -20.13 24.29 15.30
CA PRO D 216 -21.26 23.61 14.66
C PRO D 216 -20.84 22.89 13.39
N TRP D 217 -20.04 23.56 12.55
CA TRP D 217 -19.59 22.92 11.31
C TRP D 217 -18.69 21.74 11.60
N ILE D 218 -17.79 21.87 12.59
CA ILE D 218 -16.90 20.75 12.94
C ILE D 218 -17.71 19.55 13.36
N ARG D 219 -18.66 19.77 14.27
CA ARG D 219 -19.45 18.65 14.77
C ARG D 219 -20.29 18.02 13.67
N THR D 220 -20.93 18.83 12.82
CA THR D 220 -21.74 18.27 11.75
C THR D 220 -20.89 17.44 10.78
N THR D 221 -19.70 17.95 10.43
CA THR D 221 -18.82 17.28 9.49
C THR D 221 -18.30 15.96 10.04
N MET D 222 -18.01 15.90 11.34
CA MET D 222 -17.48 14.68 11.92
C MET D 222 -18.56 13.65 12.16
N ARG D 223 -19.82 14.07 12.14
CA ARG D 223 -20.98 13.20 12.33
C ARG D 223 -21.44 12.67 10.98
N LYS E 2 15.57 14.83 -9.11
CA LYS E 2 14.67 15.99 -9.15
C LYS E 2 15.17 17.08 -8.21
N HIS E 3 14.82 18.32 -8.52
CA HIS E 3 15.31 19.49 -7.80
C HIS E 3 14.15 20.24 -7.17
N THR E 4 14.29 20.53 -5.88
CA THR E 4 13.25 21.18 -5.09
C THR E 4 13.60 22.65 -4.91
N VAL E 5 12.61 23.51 -5.17
CA VAL E 5 12.79 24.95 -5.07
C VAL E 5 11.69 25.54 -4.19
N PRO E 6 12.00 25.96 -2.97
CA PRO E 6 10.99 26.63 -2.16
C PRO E 6 10.55 27.94 -2.78
N TYR E 7 9.28 28.28 -2.54
CA TYR E 7 8.77 29.58 -2.98
C TYR E 7 7.73 30.12 -2.02
N THR E 8 7.59 31.43 -2.04
CA THR E 8 6.63 32.14 -1.19
C THR E 8 5.74 33.04 -2.03
N ILE E 9 4.48 33.13 -1.63
CA ILE E 9 3.51 33.99 -2.29
C ILE E 9 3.00 35.03 -1.32
N SER E 10 3.15 36.30 -1.69
CA SER E 10 2.61 37.44 -0.97
C SER E 10 1.64 38.14 -1.91
N VAL E 11 0.37 38.22 -1.53
CA VAL E 11 -0.64 38.90 -2.31
C VAL E 11 -1.36 39.87 -1.40
N ASP E 12 -1.38 41.15 -1.78
CA ASP E 12 -2.06 42.20 -1.03
C ASP E 12 -1.51 42.27 0.40
N GLY E 13 -0.20 42.05 0.51
CA GLY E 13 0.55 42.23 1.72
C GLY E 13 0.45 41.10 2.73
N ILE E 14 -0.19 39.99 2.40
CA ILE E 14 -0.27 38.86 3.31
C ILE E 14 0.20 37.57 2.65
N THR E 15 0.69 36.66 3.49
CA THR E 15 1.21 35.37 3.06
C THR E 15 0.62 34.27 3.92
N ALA E 16 0.02 33.28 3.28
CA ALA E 16 -0.39 32.09 4.02
C ALA E 16 0.86 31.37 4.51
N LEU E 17 0.74 30.69 5.66
CA LEU E 17 1.93 30.21 6.36
C LEU E 17 2.20 28.73 6.14
N HIS E 18 1.73 28.17 5.03
CA HIS E 18 2.27 26.88 4.65
C HIS E 18 3.67 27.05 4.05
N ARG E 19 4.34 25.93 3.81
CA ARG E 19 5.66 25.91 3.18
C ARG E 19 5.45 25.21 1.85
N THR E 20 5.74 25.89 0.74
CA THR E 20 5.44 25.37 -0.59
C THR E 20 6.73 25.25 -1.40
N TYR E 21 6.80 24.20 -2.23
CA TYR E 21 7.98 23.91 -3.06
C TYR E 21 7.54 23.63 -4.50
N PHE E 22 8.35 24.07 -5.47
CA PHE E 22 8.27 23.55 -6.83
C PHE E 22 9.25 22.39 -6.95
N VAL E 23 8.88 21.38 -7.73
CA VAL E 23 9.75 20.24 -8.04
C VAL E 23 10.02 20.24 -9.53
N PHE E 24 11.29 20.30 -9.90
CA PHE E 24 11.72 20.27 -11.28
C PHE E 24 12.48 18.97 -11.55
N PRO E 25 12.22 18.29 -12.68
CA PRO E 25 13.14 17.19 -13.05
C PRO E 25 14.58 17.62 -13.36
N LYS E 28 15.30 18.73 -17.07
CA LYS E 28 16.45 19.52 -17.48
C LYS E 28 16.07 20.99 -17.72
N LYS E 29 16.49 21.54 -18.86
CA LYS E 29 16.42 22.99 -19.07
C LYS E 29 14.98 23.47 -19.18
N VAL E 30 14.72 24.67 -18.66
CA VAL E 30 13.41 25.27 -18.78
C VAL E 30 13.51 26.71 -19.27
N LEU E 31 12.50 27.14 -20.03
CA LEU E 31 12.35 28.52 -20.45
C LEU E 31 11.74 29.34 -19.33
N TYR E 32 12.09 30.62 -19.24
CA TYR E 32 11.49 31.46 -18.20
C TYR E 32 9.97 31.47 -18.32
N GLN E 33 9.43 31.37 -19.54
CA GLN E 33 7.98 31.39 -19.69
C GLN E 33 7.31 30.20 -18.99
N GLU E 34 8.02 29.07 -18.81
CA GLU E 34 7.46 27.96 -18.06
C GLU E 34 7.42 28.27 -16.57
N ILE E 35 8.45 28.96 -16.07
CA ILE E 35 8.41 29.45 -14.68
C ILE E 35 7.29 30.46 -14.52
N ASP E 36 7.17 31.40 -15.47
CA ASP E 36 6.08 32.38 -15.40
C ASP E 36 4.74 31.68 -15.27
N SER E 37 4.50 30.64 -16.08
CA SER E 37 3.23 29.91 -16.03
C SER E 37 3.03 29.25 -14.68
N LYS E 38 4.07 28.60 -14.15
CA LYS E 38 3.93 27.92 -12.85
C LYS E 38 3.61 28.93 -11.77
N VAL E 39 4.27 30.10 -11.81
CA VAL E 39 4.02 31.15 -10.82
C VAL E 39 2.57 31.64 -10.92
N LYS E 40 2.10 31.97 -12.14
CA LYS E 40 0.73 32.44 -12.33
C LYS E 40 -0.28 31.38 -11.94
N ASN E 41 0.01 30.11 -12.25
CA ASN E 41 -0.90 29.03 -11.87
C ASN E 41 -1.03 28.93 -10.36
N GLU E 42 0.05 29.11 -9.61
CA GLU E 42 -0.02 29.05 -8.14
C GLU E 42 -0.70 30.29 -7.58
N LEU E 43 -0.46 31.45 -8.18
CA LEU E 43 -1.17 32.65 -7.74
C LEU E 43 -2.67 32.44 -7.88
N ALA E 44 -3.08 31.78 -8.95
CA ALA E 44 -4.50 31.53 -9.18
C ALA E 44 -5.03 30.49 -8.22
N SER E 45 -4.36 29.35 -8.12
CA SER E 45 -4.93 28.25 -7.36
C SER E 45 -4.80 28.45 -5.86
N GLN E 46 -3.77 29.17 -5.38
CA GLN E 46 -3.60 29.38 -3.95
C GLN E 46 -4.33 30.63 -3.46
N ARG E 47 -4.35 31.70 -4.25
CA ARG E 47 -4.84 32.97 -3.74
C ARG E 47 -5.88 33.60 -4.66
N GLY E 48 -6.37 32.87 -5.67
CA GLY E 48 -7.43 33.35 -6.53
C GLY E 48 -7.07 34.58 -7.32
N VAL E 49 -5.79 34.72 -7.66
CA VAL E 49 -5.31 35.86 -8.44
C VAL E 49 -5.59 35.62 -9.91
N THR E 50 -6.31 36.55 -10.54
CA THR E 50 -6.64 36.45 -11.96
C THR E 50 -5.61 37.19 -12.82
N THR E 51 -5.73 36.98 -14.14
CA THR E 51 -4.90 37.74 -15.07
C THR E 51 -5.17 39.23 -14.96
N GLU E 52 -6.41 39.64 -14.77
CA GLU E 52 -6.71 41.05 -14.63
C GLU E 52 -6.11 41.63 -13.35
N LYS E 53 -6.13 40.87 -12.24
CA LYS E 53 -5.49 41.38 -11.04
C LYS E 53 -3.98 41.57 -11.23
N ILE E 54 -3.32 40.62 -11.90
CA ILE E 54 -1.90 40.77 -12.17
C ILE E 54 -1.66 42.01 -13.03
N ASN E 55 -2.43 42.15 -14.11
CA ASN E 55 -2.14 43.17 -15.08
C ASN E 55 -2.38 44.57 -14.54
N ASN E 56 -3.26 44.72 -13.55
CA ASN E 56 -3.57 46.03 -12.99
C ASN E 56 -2.85 46.31 -11.68
N ALA E 57 -1.98 45.40 -11.24
CA ALA E 57 -1.37 45.52 -9.93
C ALA E 57 -0.29 46.60 -9.92
N GLN E 58 -0.12 47.24 -8.77
CA GLN E 58 1.00 48.18 -8.66
C GLN E 58 2.32 47.48 -8.91
N THR E 59 2.50 46.29 -8.36
CA THR E 59 3.67 45.48 -8.67
C THR E 59 3.25 44.01 -8.73
N ALA E 60 3.79 43.31 -9.72
CA ALA E 60 3.52 41.88 -9.90
C ALA E 60 4.82 41.27 -10.40
N THR E 61 5.59 40.66 -9.50
CA THR E 61 6.91 40.15 -9.86
C THR E 61 7.15 38.81 -9.19
N TYR E 62 8.15 38.09 -9.71
CA TYR E 62 8.80 37.05 -8.94
C TYR E 62 10.30 37.27 -9.01
N THR E 63 10.98 36.93 -7.92
CA THR E 63 12.41 37.12 -7.84
C THR E 63 13.07 35.77 -7.60
N LEU E 64 13.96 35.39 -8.51
CA LEU E 64 14.73 34.18 -8.38
C LEU E 64 16.01 34.48 -7.63
N THR E 65 16.28 33.73 -6.55
CA THR E 65 17.60 33.72 -5.93
C THR E 65 18.39 32.56 -6.53
N LEU E 66 19.51 32.87 -7.18
CA LEU E 66 20.32 31.86 -7.86
C LEU E 66 21.57 31.51 -7.06
N ASN E 67 22.15 30.36 -7.40
CA ASN E 67 23.29 29.83 -6.67
C ASN E 67 24.61 30.42 -7.16
N ASP E 68 24.57 31.39 -8.06
CA ASP E 68 25.75 32.18 -8.40
C ASP E 68 25.75 33.53 -7.69
N GLY E 69 24.83 33.74 -6.75
CA GLY E 69 24.73 34.98 -6.01
C GLY E 69 23.84 36.04 -6.64
N ASN E 70 23.39 35.82 -7.86
CA ASN E 70 22.54 36.81 -8.52
C ASN E 70 21.08 36.63 -8.09
N LYS E 71 20.35 37.74 -8.10
CA LYS E 71 18.90 37.75 -7.93
C LYS E 71 18.32 38.26 -9.24
N LYS E 72 17.31 37.57 -9.76
CA LYS E 72 16.70 38.00 -11.01
C LYS E 72 15.24 38.35 -10.74
N VAL E 73 14.88 39.59 -11.03
CA VAL E 73 13.52 40.07 -10.84
C VAL E 73 12.80 39.96 -12.18
N VAL E 74 11.67 39.26 -12.19
CA VAL E 74 10.88 39.08 -13.39
C VAL E 74 9.54 39.77 -13.22
N ASN E 75 9.18 40.61 -14.18
CA ASN E 75 7.89 41.26 -14.18
C ASN E 75 6.83 40.31 -14.74
N LEU E 76 5.79 40.01 -13.95
CA LEU E 76 4.77 39.09 -14.43
C LEU E 76 3.83 39.71 -15.46
N LYS E 77 3.84 41.03 -15.62
CA LYS E 77 3.00 41.64 -16.64
C LYS E 77 3.58 41.44 -18.01
N LYS E 78 4.91 41.52 -18.12
CA LYS E 78 5.55 41.40 -19.43
C LYS E 78 7.01 41.05 -19.22
N ASN E 79 7.42 39.89 -19.72
CA ASN E 79 8.74 39.32 -19.46
C ASN E 79 9.45 39.17 -20.79
N ASP E 80 10.35 40.10 -21.10
CA ASP E 80 11.10 40.02 -22.35
C ASP E 80 12.09 38.85 -22.39
N ASP E 81 12.31 38.17 -21.25
CA ASP E 81 13.18 37.02 -21.17
C ASP E 81 12.44 35.69 -21.28
N ALA E 82 11.15 35.71 -21.65
CA ALA E 82 10.33 34.51 -21.62
C ALA E 82 10.96 33.37 -22.40
N LYS E 83 11.65 33.67 -23.49
CA LYS E 83 12.17 32.60 -24.33
C LYS E 83 13.61 32.21 -24.02
N ASN E 84 14.25 32.80 -23.01
CA ASN E 84 15.53 32.30 -22.55
C ASN E 84 15.36 31.14 -21.58
N SER E 85 16.44 30.37 -21.43
CA SER E 85 16.44 29.17 -20.61
C SER E 85 17.19 29.42 -19.31
N ILE E 86 16.86 28.61 -18.32
CA ILE E 86 17.54 28.59 -17.04
C ILE E 86 17.60 27.13 -16.61
N ASP E 87 18.71 26.76 -15.98
CA ASP E 87 18.90 25.45 -15.36
C ASP E 87 18.23 25.52 -13.99
N PRO E 88 17.12 24.83 -13.76
CA PRO E 88 16.42 25.03 -12.48
C PRO E 88 17.22 24.55 -11.28
N SER E 89 18.22 23.69 -11.47
CA SER E 89 19.10 23.31 -10.36
C SER E 89 19.95 24.46 -9.85
N THR E 90 19.98 25.60 -10.55
CA THR E 90 20.65 26.78 -10.02
C THR E 90 19.72 27.67 -9.20
N ILE E 91 18.43 27.36 -9.11
CA ILE E 91 17.50 28.24 -8.41
C ILE E 91 17.40 27.78 -6.97
N LYS E 92 17.63 28.70 -6.05
CA LYS E 92 17.57 28.39 -4.63
C LYS E 92 16.20 28.67 -4.02
N GLN E 93 15.56 29.76 -4.42
CA GLN E 93 14.27 30.17 -3.90
C GLN E 93 13.62 31.14 -4.87
N ILE E 94 12.28 31.19 -4.84
CA ILE E 94 11.51 32.15 -5.62
C ILE E 94 10.60 32.92 -4.69
N GLN E 95 10.60 34.24 -4.82
CA GLN E 95 9.76 35.11 -4.01
C GLN E 95 8.73 35.80 -4.92
N ILE E 96 7.45 35.50 -4.72
CA ILE E 96 6.40 35.98 -5.60
C ILE E 96 5.63 37.08 -4.88
N VAL E 97 5.45 38.22 -5.54
CA VAL E 97 4.82 39.37 -4.89
C VAL E 97 3.81 40.03 -5.83
N VAL E 98 2.55 40.11 -5.41
CA VAL E 98 1.53 40.84 -6.14
C VAL E 98 0.92 41.83 -5.16
N LYS E 99 0.95 43.11 -5.51
CA LYS E 99 0.46 44.23 -4.67
C LYS E 99 1.44 44.52 -3.54
N LYS F 2 0.15 -15.53 -18.28
CA LYS F 2 0.64 -16.68 -17.51
C LYS F 2 -0.39 -17.81 -17.46
N HIS F 3 0.11 -19.03 -17.27
CA HIS F 3 -0.71 -20.24 -17.30
C HIS F 3 -0.70 -20.89 -15.93
N THR F 4 -1.89 -21.06 -15.35
CA THR F 4 -2.00 -21.67 -14.02
C THR F 4 -2.36 -23.13 -14.16
N VAL F 5 -1.70 -23.98 -13.39
CA VAL F 5 -1.90 -25.42 -13.48
C VAL F 5 -2.16 -25.94 -12.08
N PRO F 6 -3.38 -26.30 -11.75
CA PRO F 6 -3.64 -26.87 -10.44
C PRO F 6 -2.97 -28.22 -10.29
N TYR F 7 -2.54 -28.51 -9.07
CA TYR F 7 -1.98 -29.82 -8.78
C TYR F 7 -2.34 -30.26 -7.38
N THR F 8 -2.26 -31.57 -7.18
CA THR F 8 -2.56 -32.19 -5.90
C THR F 8 -1.43 -33.12 -5.52
N ILE F 9 -1.11 -33.13 -4.23
CA ILE F 9 -0.10 -34.01 -3.67
C ILE F 9 -0.72 -34.97 -2.69
N SER F 10 -0.50 -36.25 -2.95
CA SER F 10 -0.90 -37.33 -2.07
C SER F 10 0.34 -38.11 -1.68
N VAL F 11 0.59 -38.21 -0.38
CA VAL F 11 1.72 -38.94 0.14
C VAL F 11 1.26 -39.82 1.28
N ASP F 12 1.61 -41.10 1.20
CA ASP F 12 1.22 -42.10 2.19
C ASP F 12 -0.29 -42.10 2.38
N GLY F 13 -1.00 -41.90 1.26
CA GLY F 13 -2.44 -42.02 1.17
C GLY F 13 -3.22 -40.82 1.61
N ILE F 14 -2.57 -39.74 2.02
CA ILE F 14 -3.30 -38.58 2.48
C ILE F 14 -2.89 -37.33 1.72
N THR F 15 -3.87 -36.42 1.68
CA THR F 15 -3.81 -35.20 0.89
C THR F 15 -4.24 -34.04 1.77
N ALA F 16 -3.34 -33.06 1.97
CA ALA F 16 -3.70 -31.81 2.63
C ALA F 16 -4.73 -31.09 1.78
N LEU F 17 -5.70 -30.43 2.42
CA LEU F 17 -6.85 -29.90 1.72
C LEU F 17 -6.71 -28.43 1.35
N HIS F 18 -5.48 -27.95 1.16
CA HIS F 18 -5.35 -26.68 0.48
C HIS F 18 -5.53 -26.86 -1.02
N ARG F 19 -5.59 -25.73 -1.73
CA ARG F 19 -5.69 -25.70 -3.18
C ARG F 19 -4.39 -25.09 -3.69
N THR F 20 -3.65 -25.83 -4.48
CA THR F 20 -2.31 -25.43 -4.89
C THR F 20 -2.23 -25.40 -6.41
N TYR F 21 -1.46 -24.42 -6.92
CA TYR F 21 -1.30 -24.18 -8.36
C TYR F 21 0.16 -23.90 -8.70
N PHE F 22 0.62 -24.40 -9.83
CA PHE F 22 1.84 -23.89 -10.44
C PHE F 22 1.47 -22.74 -11.40
N VAL F 23 2.37 -21.78 -11.54
CA VAL F 23 2.22 -20.70 -12.52
C VAL F 23 3.43 -20.75 -13.46
N PHE F 24 3.16 -20.86 -14.77
CA PHE F 24 4.17 -20.87 -15.81
C PHE F 24 4.08 -19.61 -16.65
N PRO F 25 5.21 -18.98 -16.99
CA PRO F 25 5.14 -17.92 -18.01
C PRO F 25 4.73 -18.41 -19.39
N LYS F 28 6.21 -19.78 -22.00
CA LYS F 28 7.36 -20.31 -22.70
C LYS F 28 7.64 -21.80 -22.42
N LYS F 29 8.66 -22.36 -23.09
CA LYS F 29 8.86 -23.80 -23.15
C LYS F 29 9.80 -24.31 -22.07
N VAL F 30 9.55 -25.54 -21.60
CA VAL F 30 10.37 -26.16 -20.58
C VAL F 30 10.66 -27.62 -20.89
N LEU F 31 11.70 -28.15 -20.25
CA LEU F 31 12.02 -29.57 -20.31
C LEU F 31 11.27 -30.30 -19.21
N TYR F 32 10.94 -31.58 -19.45
CA TYR F 32 10.26 -32.34 -18.41
C TYR F 32 11.03 -32.31 -17.10
N GLN F 33 12.36 -32.28 -17.17
CA GLN F 33 13.15 -32.27 -15.94
C GLN F 33 12.83 -31.04 -15.08
N GLU F 34 12.38 -29.96 -15.70
CA GLU F 34 11.98 -28.77 -14.95
C GLU F 34 10.69 -29.03 -14.19
N ILE F 35 9.77 -29.79 -14.79
CA ILE F 35 8.55 -30.19 -14.09
C ILE F 35 8.89 -31.18 -12.99
N ASP F 36 9.72 -32.18 -13.30
CA ASP F 36 10.18 -33.12 -12.29
C ASP F 36 10.71 -32.37 -11.08
N SER F 37 11.57 -31.38 -11.32
CA SER F 37 12.14 -30.63 -10.21
C SER F 37 11.06 -29.88 -9.43
N LYS F 38 10.15 -29.19 -10.12
CA LYS F 38 9.10 -28.47 -9.42
C LYS F 38 8.29 -29.42 -8.55
N VAL F 39 7.99 -30.60 -9.07
CA VAL F 39 7.23 -31.62 -8.33
C VAL F 39 8.02 -32.08 -7.11
N LYS F 40 9.29 -32.46 -7.29
CA LYS F 40 10.11 -32.92 -6.16
C LYS F 40 10.28 -31.81 -5.13
N ASN F 41 10.39 -30.55 -5.58
CA ASN F 41 10.56 -29.46 -4.63
C ASN F 41 9.31 -29.27 -3.80
N GLU F 42 8.12 -29.43 -4.40
CA GLU F 42 6.88 -29.32 -3.61
C GLU F 42 6.69 -30.52 -2.70
N LEU F 43 7.04 -31.71 -3.17
CA LEU F 43 7.00 -32.87 -2.29
C LEU F 43 7.85 -32.64 -1.05
N ALA F 44 9.01 -32.02 -1.23
CA ALA F 44 9.87 -31.77 -0.08
C ALA F 44 9.32 -30.67 0.80
N SER F 45 8.93 -29.54 0.22
CA SER F 45 8.58 -28.38 1.05
C SER F 45 7.18 -28.50 1.65
N GLN F 46 6.27 -29.24 1.01
CA GLN F 46 4.92 -29.41 1.54
C GLN F 46 4.82 -30.63 2.44
N ARG F 47 5.51 -31.73 2.09
CA ARG F 47 5.32 -32.99 2.81
C ARG F 47 6.60 -33.66 3.31
N GLY F 48 7.73 -32.97 3.25
CA GLY F 48 8.94 -33.52 3.80
C GLY F 48 9.45 -34.76 3.12
N VAL F 49 9.11 -34.95 1.84
CA VAL F 49 9.52 -36.12 1.08
C VAL F 49 10.96 -35.93 0.61
N THR F 50 11.82 -36.89 0.95
CA THR F 50 13.22 -36.86 0.58
C THR F 50 13.45 -37.67 -0.69
N THR F 51 14.68 -37.56 -1.23
CA THR F 51 15.07 -38.39 -2.36
C THR F 51 14.97 -39.87 -2.03
N GLU F 52 15.39 -40.25 -0.82
CA GLU F 52 15.35 -41.64 -0.40
C GLU F 52 13.93 -42.17 -0.34
N LYS F 53 13.01 -41.34 0.17
CA LYS F 53 11.63 -41.76 0.21
C LYS F 53 11.08 -41.99 -1.19
N ILE F 54 11.40 -41.11 -2.13
CA ILE F 54 10.93 -41.32 -3.50
C ILE F 54 11.52 -42.61 -4.08
N ASN F 55 12.82 -42.80 -3.89
CA ASN F 55 13.51 -43.89 -4.58
C ASN F 55 13.05 -45.24 -4.07
N ASN F 56 12.62 -45.32 -2.81
CA ASN F 56 12.21 -46.57 -2.22
C ASN F 56 10.69 -46.78 -2.20
N ALA F 57 9.90 -45.84 -2.71
CA ALA F 57 8.44 -45.93 -2.58
C ALA F 57 7.88 -47.00 -3.49
N GLN F 58 6.73 -47.57 -3.11
CA GLN F 58 6.06 -48.53 -3.98
C GLN F 58 5.68 -47.86 -5.29
N THR F 59 5.23 -46.62 -5.23
CA THR F 59 5.02 -45.85 -6.44
C THR F 59 5.35 -44.39 -6.15
N ALA F 60 5.97 -43.73 -7.11
CA ALA F 60 6.31 -42.31 -6.99
C ALA F 60 6.13 -41.75 -8.40
N THR F 61 4.97 -41.11 -8.66
CA THR F 61 4.68 -40.63 -10.00
C THR F 61 4.04 -39.26 -9.96
N TYR F 62 4.07 -38.57 -11.11
CA TYR F 62 3.07 -37.54 -11.36
C TYR F 62 2.42 -37.80 -12.70
N THR F 63 1.13 -37.47 -12.76
CA THR F 63 0.30 -37.68 -13.93
C THR F 63 -0.15 -36.33 -14.45
N LEU F 64 0.19 -36.03 -15.69
CA LEU F 64 -0.23 -34.81 -16.35
C LEU F 64 -1.55 -35.11 -17.07
N THR F 65 -2.59 -34.35 -16.79
CA THR F 65 -3.81 -34.41 -17.58
C THR F 65 -3.69 -33.27 -18.58
N LEU F 66 -3.67 -33.60 -19.86
CA LEU F 66 -3.48 -32.56 -20.86
C LEU F 66 -4.83 -32.05 -21.36
N ASN F 67 -4.82 -30.83 -21.90
CA ASN F 67 -6.05 -30.23 -22.40
C ASN F 67 -6.66 -31.09 -23.51
N ASP F 68 -5.84 -31.72 -24.34
CA ASP F 68 -6.44 -32.55 -25.38
C ASP F 68 -6.98 -33.89 -24.83
N GLY F 69 -7.01 -34.06 -23.51
CA GLY F 69 -7.54 -35.25 -22.88
C GLY F 69 -6.54 -36.36 -22.64
N ASN F 70 -5.37 -36.29 -23.28
CA ASN F 70 -4.30 -37.25 -23.02
C ASN F 70 -3.94 -37.25 -21.53
N LYS F 71 -3.37 -38.37 -21.07
CA LYS F 71 -2.75 -38.49 -19.74
C LYS F 71 -1.33 -38.98 -19.94
N LYS F 72 -0.37 -38.36 -19.24
CA LYS F 72 1.02 -38.80 -19.30
C LYS F 72 1.47 -39.08 -17.88
N VAL F 73 1.85 -40.32 -17.61
CA VAL F 73 2.34 -40.73 -16.30
C VAL F 73 3.85 -40.70 -16.31
N VAL F 74 4.44 -39.96 -15.36
CA VAL F 74 5.89 -39.78 -15.28
C VAL F 74 6.35 -40.45 -13.99
N ASN F 75 7.35 -41.31 -14.13
CA ASN F 75 7.99 -41.96 -12.98
C ASN F 75 9.00 -41.01 -12.34
N LEU F 76 8.79 -40.71 -11.07
CA LEU F 76 9.72 -39.81 -10.40
C LEU F 76 11.06 -40.43 -10.07
N LYS F 77 11.17 -41.76 -10.12
CA LYS F 77 12.46 -42.41 -9.84
C LYS F 77 13.40 -42.29 -11.03
N LYS F 78 12.87 -42.38 -12.24
CA LYS F 78 13.70 -42.24 -13.44
C LYS F 78 12.77 -41.91 -14.60
N ASN F 79 12.98 -40.76 -15.20
CA ASN F 79 12.13 -40.21 -16.24
C ASN F 79 12.96 -40.17 -17.53
N ASP F 80 12.74 -41.16 -18.39
CA ASP F 80 13.51 -41.21 -19.62
C ASP F 80 13.20 -40.05 -20.55
N ASP F 81 12.16 -39.27 -20.26
CA ASP F 81 11.79 -38.09 -21.03
C ASP F 81 12.34 -36.80 -20.44
N ALA F 82 13.25 -36.88 -19.47
CA ALA F 82 13.68 -35.70 -18.73
C ALA F 82 14.19 -34.58 -19.62
N LYS F 83 14.87 -34.93 -20.71
CA LYS F 83 15.52 -33.95 -21.55
C LYS F 83 14.65 -33.49 -22.70
N ASN F 84 13.43 -33.97 -22.79
CA ASN F 84 12.48 -33.59 -23.80
C ASN F 84 11.61 -32.42 -23.40
N SER F 85 11.10 -31.57 -24.33
CA SER F 85 10.35 -30.36 -24.08
C SER F 85 8.87 -30.66 -23.92
N ILE F 86 8.21 -29.78 -23.17
CA ILE F 86 6.76 -29.79 -23.06
C ILE F 86 6.34 -28.34 -22.96
N ASP F 87 5.21 -28.01 -23.60
CA ASP F 87 4.59 -26.70 -23.52
C ASP F 87 3.65 -26.71 -22.32
N PRO F 88 3.96 -26.00 -21.23
CA PRO F 88 3.10 -26.10 -20.06
C PRO F 88 1.67 -25.69 -20.33
N SER F 89 1.42 -24.91 -21.39
CA SER F 89 0.05 -24.48 -21.65
C SER F 89 -0.85 -25.61 -22.11
N THR F 90 -0.28 -26.78 -22.43
CA THR F 90 -1.08 -27.96 -22.73
C THR F 90 -1.53 -28.71 -21.49
N ILE F 91 -1.05 -28.32 -20.31
CA ILE F 91 -1.30 -29.05 -19.07
C ILE F 91 -2.52 -28.46 -18.39
N LYS F 92 -3.51 -29.31 -18.10
CA LYS F 92 -4.70 -28.94 -17.35
C LYS F 92 -4.51 -29.09 -15.84
N GLN F 93 -3.96 -30.23 -15.41
CA GLN F 93 -3.84 -30.54 -13.99
C GLN F 93 -2.71 -31.55 -13.83
N ILE F 94 -2.18 -31.62 -12.62
CA ILE F 94 -1.12 -32.58 -12.29
C ILE F 94 -1.50 -33.29 -11.00
N GLN F 95 -1.46 -34.61 -11.01
CA GLN F 95 -1.71 -35.40 -9.80
C GLN F 95 -0.43 -36.09 -9.40
N ILE F 96 0.07 -35.75 -8.21
CA ILE F 96 1.33 -36.27 -7.69
C ILE F 96 1.04 -37.28 -6.59
N VAL F 97 1.62 -38.48 -6.71
CA VAL F 97 1.38 -39.56 -5.77
C VAL F 97 2.68 -40.22 -5.35
N VAL F 98 2.96 -40.26 -4.03
CA VAL F 98 4.05 -41.05 -3.49
C VAL F 98 3.45 -41.99 -2.46
N LYS F 99 3.59 -43.29 -2.69
CA LYS F 99 3.02 -44.35 -1.87
C LYS F 99 1.49 -44.44 -1.97
N ILE G 1 30.20 -4.99 8.61
CA ILE G 1 31.54 -5.00 8.02
C ILE G 1 32.53 -4.61 9.12
N ILE G 2 33.48 -5.49 9.40
CA ILE G 2 34.53 -5.22 10.38
C ILE G 2 35.76 -4.75 9.63
N GLY G 3 36.39 -3.68 10.12
CA GLY G 3 37.64 -3.19 9.57
C GLY G 3 37.58 -2.50 8.22
N GLY G 4 36.43 -2.00 7.84
CA GLY G 4 36.25 -1.41 6.53
C GLY G 4 36.17 0.09 6.62
N ARG G 5 35.65 0.69 5.57
CA ARG G 5 35.46 2.13 5.47
C ARG G 5 34.06 2.40 4.94
N GLU G 6 33.50 3.56 5.27
CA GLU G 6 32.23 3.94 4.65
C GLU G 6 32.40 4.04 3.13
N SER G 7 31.46 3.44 2.38
CA SER G 7 31.51 3.49 0.92
C SER G 7 31.20 4.89 0.44
N ARG G 8 31.76 5.24 -0.71
CA ARG G 8 31.28 6.42 -1.42
C ARG G 8 29.79 6.24 -1.69
N PRO G 9 28.94 7.23 -1.40
CA PRO G 9 27.50 7.02 -1.63
C PRO G 9 27.19 6.63 -3.07
N HIS G 10 26.42 5.53 -3.21
CA HIS G 10 25.87 5.06 -4.49
C HIS G 10 26.92 4.59 -5.47
N SER G 11 28.13 4.30 -4.96
CA SER G 11 29.18 3.67 -5.75
C SER G 11 28.94 2.19 -5.98
N ARG G 12 27.99 1.59 -5.25
CA ARG G 12 27.68 0.16 -5.34
C ARG G 12 26.17 0.03 -5.56
N PRO G 13 25.70 0.42 -6.75
CA PRO G 13 24.26 0.59 -6.99
C PRO G 13 23.46 -0.71 -7.07
N TYR G 14 24.14 -1.85 -6.98
CA TYR G 14 23.48 -3.14 -6.93
C TYR G 14 23.14 -3.55 -5.51
N MET G 15 23.63 -2.84 -4.49
CA MET G 15 23.45 -3.30 -3.11
C MET G 15 22.00 -3.15 -2.67
N ALA G 16 21.52 -4.18 -1.96
CA ALA G 16 20.17 -4.23 -1.45
C ALA G 16 20.19 -4.49 0.05
N TYR G 17 19.32 -3.78 0.76
CA TYR G 17 19.11 -3.96 2.18
C TYR G 17 17.79 -4.69 2.38
N LEU G 18 17.82 -5.77 3.14
CA LEU G 18 16.64 -6.62 3.30
C LEU G 18 16.12 -6.56 4.73
N GLN G 19 14.81 -6.36 4.87
CA GLN G 19 14.10 -6.48 6.15
C GLN G 19 13.19 -7.70 6.05
N ILE G 20 13.29 -8.60 7.03
CA ILE G 20 12.67 -9.92 6.98
C ILE G 20 11.85 -10.12 8.25
N GLN G 21 10.61 -10.57 8.10
CA GLN G 21 9.75 -10.84 9.23
C GLN G 21 9.91 -12.29 9.66
N SER G 22 10.02 -12.50 10.94
CA SER G 22 10.16 -13.83 11.54
C SER G 22 9.03 -14.02 12.56
N PRO G 23 8.85 -15.25 13.07
CA PRO G 23 7.69 -15.50 13.97
C PRO G 23 7.74 -14.75 15.29
N ALA G 24 8.93 -14.37 15.77
CA ALA G 24 9.06 -13.73 17.07
C ALA G 24 9.93 -12.47 17.01
N GLY G 25 10.10 -11.90 15.82
CA GLY G 25 11.04 -10.82 15.66
C GLY G 25 11.29 -10.59 14.20
N GLN G 26 12.47 -10.08 13.90
CA GLN G 26 12.82 -9.77 12.54
C GLN G 26 14.30 -9.99 12.34
N SER G 27 14.71 -9.98 11.09
CA SER G 27 16.12 -10.00 10.79
C SER G 27 16.42 -9.05 9.65
N ARG G 28 17.73 -8.84 9.45
CA ARG G 28 18.27 -7.94 8.45
C ARG G 28 19.43 -8.64 7.75
N CYS G 29 19.48 -8.47 6.43
CA CYS G 29 20.47 -9.09 5.55
C CYS G 29 20.79 -8.07 4.48
N GLY G 30 21.86 -8.37 3.72
CA GLY G 30 22.10 -7.75 2.44
C GLY G 30 21.69 -8.65 1.28
N GLY G 31 21.93 -8.12 0.10
CA GLY G 31 21.61 -8.81 -1.13
C GLY G 31 22.12 -7.95 -2.25
N PHE G 32 21.96 -8.44 -3.46
CA PHE G 32 22.40 -7.64 -4.60
C PHE G 32 21.51 -7.90 -5.81
N LEU G 33 21.22 -6.80 -6.54
CA LEU G 33 20.47 -6.86 -7.77
C LEU G 33 21.27 -7.54 -8.89
N VAL G 34 20.65 -8.54 -9.53
CA VAL G 34 21.28 -9.27 -10.61
C VAL G 34 20.48 -9.17 -11.90
N ARG G 35 19.25 -8.68 -11.82
CA ARG G 35 18.46 -8.28 -12.98
C ARG G 35 17.45 -7.27 -12.46
N GLU G 36 16.81 -6.56 -13.38
CA GLU G 36 15.88 -5.51 -12.94
C GLU G 36 14.79 -6.04 -12.02
N ASP G 37 14.53 -7.34 -12.05
CA ASP G 37 13.43 -7.94 -11.29
C ASP G 37 13.89 -8.97 -10.26
N PHE G 38 15.20 -9.14 -10.06
CA PHE G 38 15.68 -10.20 -9.18
C PHE G 38 16.86 -9.73 -8.34
N VAL G 39 16.80 -10.08 -7.05
CA VAL G 39 17.88 -9.87 -6.10
C VAL G 39 18.39 -11.24 -5.63
N LEU G 40 19.70 -11.35 -5.53
CA LEU G 40 20.33 -12.55 -4.99
C LEU G 40 20.71 -12.29 -3.53
N THR G 41 20.59 -13.31 -2.70
CA THR G 41 20.95 -13.19 -1.29
C THR G 41 21.16 -14.61 -0.76
N ALA G 42 21.25 -14.73 0.55
CA ALA G 42 21.47 -16.02 1.20
C ALA G 42 20.13 -16.67 1.54
N ALA G 43 20.07 -18.01 1.46
CA ALA G 43 18.84 -18.73 1.77
C ALA G 43 18.47 -18.61 3.24
N HIS G 44 19.45 -18.44 4.12
CA HIS G 44 19.14 -18.32 5.55
C HIS G 44 18.46 -17.00 5.89
N CYS G 45 18.34 -16.10 4.94
CA CYS G 45 17.65 -14.83 5.09
C CYS G 45 16.16 -14.92 4.72
N TRP G 46 15.63 -16.13 4.55
CA TRP G 46 14.23 -16.29 4.16
C TRP G 46 13.30 -15.93 5.32
N GLY G 47 12.16 -15.35 4.99
CA GLY G 47 11.09 -15.04 5.93
C GLY G 47 9.83 -14.73 5.14
N SER G 48 8.74 -14.49 5.85
CA SER G 48 7.42 -14.61 5.24
C SER G 48 7.00 -13.35 4.49
N ASN G 49 7.53 -12.19 4.91
CA ASN G 49 7.41 -10.90 4.25
C ASN G 49 8.86 -10.43 4.17
N ILE G 50 9.32 -10.07 2.99
CA ILE G 50 10.65 -9.50 2.79
C ILE G 50 10.50 -8.20 2.03
N ASN G 51 11.09 -7.13 2.55
CA ASN G 51 11.08 -5.81 1.92
C ASN G 51 12.51 -5.48 1.54
N VAL G 52 12.71 -5.09 0.28
CA VAL G 52 14.02 -4.82 -0.31
C VAL G 52 14.15 -3.32 -0.50
N THR G 53 15.25 -2.74 -0.02
CA THR G 53 15.54 -1.35 -0.33
C THR G 53 16.78 -1.26 -1.21
N LEU G 54 16.61 -0.66 -2.39
CA LEU G 54 17.67 -0.35 -3.34
C LEU G 54 17.90 1.15 -3.36
N GLY G 55 19.07 1.56 -3.84
CA GLY G 55 19.37 2.97 -3.95
C GLY G 55 19.76 3.64 -2.66
N ALA G 56 20.08 2.87 -1.62
CA ALA G 56 20.32 3.45 -0.32
C ALA G 56 21.80 3.69 -0.09
N HIS G 57 22.09 4.71 0.70
CA HIS G 57 23.37 4.82 1.38
C HIS G 57 23.16 4.82 2.89
N ASN G 58 22.48 5.83 3.42
CA ASN G 58 22.07 5.86 4.81
C ASN G 58 20.68 5.25 4.92
N ILE G 59 20.61 4.00 5.37
CA ILE G 59 19.34 3.28 5.39
C ILE G 59 18.42 3.83 6.47
N GLN G 60 18.94 4.55 7.46
CA GLN G 60 18.13 5.15 8.49
C GLN G 60 17.60 6.54 8.12
N ARG G 61 17.75 6.97 6.87
CA ARG G 61 17.19 8.23 6.41
C ARG G 61 16.25 7.95 5.24
N ARG G 62 15.29 8.84 5.02
CA ARG G 62 14.38 8.68 3.89
C ARG G 62 14.96 9.36 2.65
N GLU G 63 15.94 8.70 2.05
CA GLU G 63 16.64 9.28 0.89
C GLU G 63 15.78 9.17 -0.37
N ASN G 64 15.85 10.20 -1.21
CA ASN G 64 15.05 10.26 -2.41
C ASN G 64 15.51 9.27 -3.47
N THR G 65 16.71 8.71 -3.31
CA THR G 65 17.25 7.69 -4.20
C THR G 65 16.75 6.29 -3.86
N GLN G 66 16.12 6.13 -2.70
CA GLN G 66 15.73 4.80 -2.23
C GLN G 66 14.48 4.33 -2.97
N GLN G 67 14.49 3.06 -3.34
CA GLN G 67 13.32 2.37 -3.88
C GLN G 67 13.04 1.21 -2.94
N HIS G 68 11.85 1.21 -2.34
CA HIS G 68 11.43 0.14 -1.44
C HIS G 68 10.47 -0.77 -2.20
N ILE G 69 10.83 -2.04 -2.33
CA ILE G 69 10.04 -2.99 -3.11
C ILE G 69 9.89 -4.30 -2.34
N THR G 70 8.68 -4.81 -2.24
CA THR G 70 8.45 -6.08 -1.59
C THR G 70 8.87 -7.24 -2.50
N ALA G 71 9.32 -8.32 -1.90
CA ALA G 71 9.64 -9.52 -2.66
C ALA G 71 8.34 -10.24 -2.97
N ARG G 72 8.10 -10.52 -4.24
CA ARG G 72 6.89 -11.21 -4.65
C ARG G 72 7.03 -12.70 -4.37
N ARG G 73 8.23 -13.21 -4.56
CA ARG G 73 8.56 -14.63 -4.46
C ARG G 73 9.98 -14.72 -3.92
N ALA G 74 10.20 -15.67 -3.02
CA ALA G 74 11.48 -15.89 -2.35
C ALA G 74 11.84 -17.35 -2.58
N ILE G 75 12.81 -17.59 -3.44
CA ILE G 75 13.09 -18.93 -3.94
C ILE G 75 14.42 -19.39 -3.35
N ARG G 76 14.36 -20.19 -2.29
CA ARG G 76 15.54 -20.81 -1.72
C ARG G 76 16.01 -21.99 -2.56
N HIS G 77 17.32 -22.17 -2.64
CA HIS G 77 17.86 -23.30 -3.38
C HIS G 77 17.23 -24.59 -2.85
N PRO G 78 16.80 -25.50 -3.71
CA PRO G 78 16.09 -26.69 -3.21
C PRO G 78 16.96 -27.61 -2.35
N GLN G 79 18.30 -27.58 -2.48
CA GLN G 79 19.18 -28.37 -1.63
C GLN G 79 19.76 -27.57 -0.46
N TYR G 80 19.26 -26.37 -0.18
CA TYR G 80 19.66 -25.63 1.02
C TYR G 80 19.55 -26.52 2.25
N ASN G 81 20.62 -26.60 3.02
CA ASN G 81 20.70 -27.40 4.24
C ASN G 81 20.97 -26.45 5.39
N GLN G 82 19.95 -26.22 6.20
CA GLN G 82 20.05 -25.23 7.25
C GLN G 82 20.97 -25.68 8.39
N ARG G 83 21.25 -26.99 8.51
CA ARG G 83 22.09 -27.47 9.61
C ARG G 83 23.55 -27.14 9.35
N THR G 84 24.03 -27.49 8.16
CA THR G 84 25.41 -27.25 7.76
C THR G 84 25.58 -25.92 7.03
N ILE G 85 24.50 -25.21 6.74
CA ILE G 85 24.52 -24.01 5.89
C ILE G 85 25.22 -24.31 4.57
N GLN G 86 24.73 -25.33 3.87
CA GLN G 86 25.16 -25.61 2.51
C GLN G 86 24.11 -25.18 1.50
N ASN G 87 24.58 -24.85 0.29
CA ASN G 87 23.72 -24.36 -0.78
C ASN G 87 22.90 -23.16 -0.33
N ASP G 88 23.60 -22.22 0.31
CA ASP G 88 23.01 -21.04 0.96
C ASP G 88 22.86 -19.92 -0.07
N ILE G 89 21.81 -20.03 -0.87
CA ILE G 89 21.53 -19.08 -1.93
C ILE G 89 20.03 -19.03 -2.15
N MET G 90 19.53 -17.82 -2.43
CA MET G 90 18.12 -17.55 -2.60
C MET G 90 17.96 -16.42 -3.62
N LEU G 91 16.97 -16.56 -4.49
CA LEU G 91 16.55 -15.50 -5.41
C LEU G 91 15.25 -14.89 -4.91
N LEU G 92 15.19 -13.58 -4.94
CA LEU G 92 14.01 -12.80 -4.62
C LEU G 92 13.49 -12.17 -5.90
N GLN G 93 12.30 -12.59 -6.34
CA GLN G 93 11.61 -11.89 -7.42
C GLN G 93 10.95 -10.64 -6.86
N LEU G 94 11.27 -9.50 -7.44
CA LEU G 94 10.75 -8.23 -6.97
C LEU G 94 9.30 -8.08 -7.47
N SER G 95 8.46 -7.46 -6.64
CA SER G 95 7.07 -7.28 -7.04
C SER G 95 6.93 -6.29 -8.20
N ARG G 96 7.96 -5.51 -8.47
CA ARG G 96 8.00 -4.66 -9.66
C ARG G 96 9.45 -4.47 -10.04
N ARG G 97 9.71 -4.28 -11.34
CA ARG G 97 11.06 -3.98 -11.80
C ARG G 97 11.55 -2.68 -11.18
N VAL G 98 12.86 -2.58 -10.95
CA VAL G 98 13.40 -1.33 -10.44
C VAL G 98 13.32 -0.27 -11.52
N ARG G 99 13.34 1.00 -11.08
CA ARG G 99 13.65 2.11 -11.97
C ARG G 99 15.17 2.19 -12.09
N ARG G 100 15.72 1.80 -13.24
CA ARG G 100 17.17 1.77 -13.39
C ARG G 100 17.71 3.19 -13.53
N ASN G 101 18.78 3.49 -12.80
CA ASN G 101 19.41 4.80 -12.88
C ASN G 101 20.82 4.67 -12.31
N ARG G 102 21.48 5.81 -12.10
CA ARG G 102 22.85 5.75 -11.59
C ARG G 102 22.93 5.19 -10.17
N ASN G 103 21.80 5.11 -9.46
CA ASN G 103 21.84 4.65 -8.07
C ASN G 103 21.32 3.24 -7.90
N VAL G 104 20.76 2.64 -8.95
CA VAL G 104 20.18 1.31 -8.91
C VAL G 104 20.45 0.62 -10.23
N ASN G 105 21.32 -0.38 -10.22
CA ASN G 105 21.52 -1.19 -11.42
C ASN G 105 22.16 -2.50 -11.04
N PRO G 106 21.99 -3.53 -11.86
CA PRO G 106 22.47 -4.87 -11.51
C PRO G 106 23.99 -5.01 -11.62
N VAL G 107 24.50 -6.04 -10.96
CA VAL G 107 25.90 -6.40 -11.01
C VAL G 107 26.06 -7.70 -11.77
N ALA G 108 27.17 -7.83 -12.48
CA ALA G 108 27.38 -9.01 -13.30
C ALA G 108 27.76 -10.21 -12.45
N LEU G 109 27.46 -11.38 -12.97
CA LEU G 109 27.82 -12.66 -12.38
C LEU G 109 28.96 -13.34 -13.12
N PRO G 110 29.61 -14.30 -12.49
CA PRO G 110 30.75 -15.00 -13.14
C PRO G 110 30.29 -15.91 -14.27
N ARG G 111 31.29 -16.41 -15.00
CA ARG G 111 31.05 -17.44 -15.99
C ARG G 111 30.79 -18.77 -15.28
N ALA G 112 30.10 -19.67 -15.99
CA ALA G 112 29.74 -20.95 -15.41
C ALA G 112 30.98 -21.68 -14.92
N GLN G 113 30.96 -22.10 -13.65
CA GLN G 113 32.03 -22.90 -13.05
C GLN G 113 33.36 -22.15 -12.96
N GLU G 114 33.35 -20.83 -13.10
CA GLU G 114 34.55 -20.05 -12.91
C GLU G 114 35.06 -20.15 -11.49
N GLY G 115 36.37 -20.32 -11.34
CA GLY G 115 36.98 -20.36 -10.03
C GLY G 115 37.46 -19.00 -9.59
N LEU G 116 38.24 -18.99 -8.52
CA LEU G 116 38.74 -17.74 -7.97
C LEU G 116 40.09 -18.04 -7.34
N ARG G 117 41.14 -17.53 -7.95
CA ARG G 117 42.50 -17.78 -7.50
C ARG G 117 42.70 -17.37 -6.04
N PRO G 118 43.14 -18.28 -5.17
CA PRO G 118 43.55 -17.87 -3.83
C PRO G 118 44.57 -16.75 -3.92
N GLY G 119 44.41 -15.75 -3.07
CA GLY G 119 45.25 -14.58 -3.09
C GLY G 119 44.61 -13.40 -3.78
N THR G 120 43.53 -13.64 -4.54
CA THR G 120 42.74 -12.58 -5.14
C THR G 120 42.16 -11.66 -4.06
N LEU G 121 42.18 -10.36 -4.36
CA LEU G 121 41.64 -9.35 -3.48
C LEU G 121 40.23 -8.99 -3.94
N CYS G 122 39.25 -9.10 -3.04
CA CYS G 122 37.86 -8.88 -3.36
C CYS G 122 37.24 -7.91 -2.37
N THR G 123 36.14 -7.29 -2.76
CA THR G 123 35.44 -6.36 -1.89
C THR G 123 34.11 -6.96 -1.46
N VAL G 124 33.80 -6.76 -0.20
CA VAL G 124 32.47 -7.04 0.34
C VAL G 124 31.94 -5.76 0.97
N ALA G 125 30.64 -5.54 0.82
CA ALA G 125 29.98 -4.37 1.35
C ALA G 125 28.70 -4.79 2.06
N GLY G 126 28.28 -3.95 3.00
CA GLY G 126 27.03 -4.20 3.70
C GLY G 126 26.74 -3.16 4.76
N TRP G 127 25.60 -3.36 5.41
CA TRP G 127 25.13 -2.51 6.50
C TRP G 127 25.19 -3.23 7.85
N GLY G 128 25.97 -4.28 7.94
CA GLY G 128 26.08 -5.05 9.16
C GLY G 128 26.83 -4.34 10.27
N ARG G 129 26.87 -5.00 11.43
CA ARG G 129 27.58 -4.47 12.58
C ARG G 129 29.07 -4.37 12.27
N VAL G 130 29.75 -3.45 12.96
CA VAL G 130 31.17 -3.18 12.74
C VAL G 130 32.03 -3.72 13.88
N SER G 131 31.42 -4.15 14.97
CA SER G 131 32.14 -4.76 16.09
C SER G 131 31.09 -5.48 16.91
N MET G 132 31.55 -6.18 17.94
CA MET G 132 30.57 -6.74 18.88
C MET G 132 29.84 -5.64 19.65
N ARG G 133 30.28 -4.39 19.51
CA ARG G 133 29.74 -3.27 20.28
C ARG G 133 29.01 -2.22 19.44
N ARG G 134 29.34 -2.07 18.15
CA ARG G 134 28.83 -0.94 17.38
C ARG G 134 28.28 -1.36 16.00
N GLY G 135 27.43 -0.47 15.45
CA GLY G 135 26.84 -0.65 14.14
C GLY G 135 27.07 0.50 13.18
N THR G 136 26.31 0.53 12.09
CA THR G 136 26.42 1.61 11.12
C THR G 136 25.06 1.90 10.52
N ASP G 137 24.78 3.18 10.26
CA ASP G 137 23.62 3.55 9.46
C ASP G 137 23.90 3.49 7.96
N THR G 138 25.16 3.51 7.56
CA THR G 138 25.52 3.70 6.17
C THR G 138 26.37 2.54 5.66
N LEU G 139 26.29 2.37 4.35
CA LEU G 139 26.96 1.28 3.68
C LEU G 139 28.46 1.39 3.87
N ARG G 140 29.08 0.27 4.26
CA ARG G 140 30.52 0.16 4.42
C ARG G 140 31.06 -0.99 3.58
N GLU G 141 32.38 -1.00 3.37
CA GLU G 141 32.98 -1.99 2.50
C GLU G 141 34.40 -2.28 2.99
N VAL G 142 34.92 -3.44 2.59
CA VAL G 142 36.24 -3.87 3.00
C VAL G 142 36.81 -4.79 1.94
N GLN G 143 38.14 -4.74 1.77
CA GLN G 143 38.84 -5.64 0.89
C GLN G 143 39.28 -6.89 1.66
N LEU G 144 38.97 -8.05 1.12
CA LEU G 144 39.32 -9.32 1.72
C LEU G 144 40.11 -10.16 0.72
N ARG G 145 40.99 -11.01 1.23
CA ARG G 145 41.85 -11.85 0.39
C ARG G 145 41.28 -13.27 0.36
N VAL G 146 41.04 -13.80 -0.83
CA VAL G 146 40.64 -15.20 -0.99
C VAL G 146 41.72 -16.12 -0.45
N GLN G 147 41.31 -17.12 0.34
CA GLN G 147 42.20 -18.08 0.97
C GLN G 147 42.24 -19.38 0.19
N ARG G 148 43.31 -20.15 0.44
CA ARG G 148 43.38 -21.49 -0.07
C ARG G 148 42.29 -22.32 0.59
N ASP G 149 41.71 -23.24 -0.18
CA ASP G 149 40.57 -24.01 0.33
C ASP G 149 40.97 -24.83 1.53
N ARG G 150 42.24 -25.26 1.62
CA ARG G 150 42.69 -26.03 2.78
C ARG G 150 42.42 -25.33 4.10
N GLN G 151 42.44 -23.99 4.14
CA GLN G 151 42.16 -23.31 5.39
C GLN G 151 40.74 -23.61 5.89
N CYS G 152 39.74 -23.39 5.04
CA CYS G 152 38.38 -23.60 5.49
C CYS G 152 38.05 -25.08 5.61
N LEU G 153 38.68 -25.93 4.80
CA LEU G 153 38.54 -27.38 5.03
C LEU G 153 38.90 -27.76 6.46
N ARG G 154 39.96 -27.14 6.99
CA ARG G 154 40.41 -27.47 8.34
C ARG G 154 39.55 -26.82 9.41
N ILE G 155 39.10 -25.58 9.18
CA ILE G 155 38.39 -24.84 10.20
C ILE G 155 36.92 -25.24 10.28
N PHE G 156 36.32 -25.51 9.14
CA PHE G 156 34.88 -25.65 9.01
C PHE G 156 34.55 -27.04 8.45
N GLY G 157 33.97 -27.88 9.30
CA GLY G 157 33.83 -29.29 8.95
C GLY G 157 33.04 -29.56 7.69
N SER G 158 32.05 -28.71 7.37
CA SER G 158 31.19 -28.94 6.23
C SER G 158 31.52 -28.07 5.03
N TYR G 159 32.65 -27.38 5.04
CA TYR G 159 33.05 -26.60 3.88
C TYR G 159 33.25 -27.47 2.65
N ASP G 160 32.75 -27.01 1.50
CA ASP G 160 32.89 -27.71 0.21
C ASP G 160 33.44 -26.73 -0.81
N PRO G 161 34.70 -26.88 -1.23
CA PRO G 161 35.29 -25.93 -2.19
C PRO G 161 34.54 -25.87 -3.51
N ARG G 162 33.80 -26.94 -3.85
CA ARG G 162 33.06 -26.93 -5.11
C ARG G 162 31.94 -25.91 -5.09
N ARG G 163 31.41 -25.57 -3.91
CA ARG G 163 30.22 -24.74 -3.80
C ARG G 163 30.41 -23.51 -2.94
N GLN G 164 31.59 -23.33 -2.34
CA GLN G 164 31.85 -22.27 -1.39
C GLN G 164 33.25 -21.73 -1.62
N ILE G 165 33.47 -20.55 -1.08
CA ILE G 165 34.73 -19.82 -1.12
C ILE G 165 35.19 -19.54 0.31
N CYS G 166 36.49 -19.61 0.51
CA CYS G 166 37.13 -19.37 1.80
C CYS G 166 37.76 -17.98 1.74
N VAL G 167 37.34 -17.07 2.61
CA VAL G 167 37.63 -15.65 2.40
C VAL G 167 38.11 -14.99 3.69
N GLY G 168 39.25 -14.30 3.60
CA GLY G 168 39.73 -13.44 4.66
C GLY G 168 40.96 -13.96 5.37
N ASP G 169 42.05 -13.21 5.33
CA ASP G 169 43.25 -13.60 6.06
C ASP G 169 43.00 -13.50 7.55
N ARG G 170 43.33 -14.57 8.26
CA ARG G 170 43.19 -14.63 9.71
C ARG G 170 43.94 -13.53 10.43
N ARG G 171 45.02 -13.02 9.85
CA ARG G 171 45.79 -12.02 10.58
C ARG G 171 45.21 -10.62 10.52
N GLU G 172 44.25 -10.35 9.64
CA GLU G 172 43.64 -9.02 9.52
C GLU G 172 42.30 -9.00 10.23
N ARG G 173 42.01 -7.90 10.94
CA ARG G 173 40.70 -7.67 11.56
C ARG G 173 39.81 -7.04 10.50
N LYS G 174 39.52 -7.84 9.48
CA LYS G 174 38.70 -7.43 8.35
C LYS G 174 37.75 -8.56 8.03
N ALA G 175 36.45 -8.27 7.95
CA ALA G 175 35.50 -9.36 7.76
C ALA G 175 34.10 -8.83 7.52
N ALA G 176 33.28 -9.70 6.91
CA ALA G 176 31.84 -9.50 6.97
C ALA G 176 31.32 -9.90 8.35
N PHE G 177 30.22 -9.28 8.79
CA PHE G 177 29.77 -9.53 10.13
C PHE G 177 28.25 -9.51 10.12
N LYS G 178 27.66 -9.43 11.31
CA LYS G 178 26.23 -9.69 11.48
C LYS G 178 25.39 -8.64 10.77
N GLY G 179 24.57 -9.10 9.83
CA GLY G 179 23.78 -8.24 9.00
C GLY G 179 24.33 -8.11 7.59
N ASP G 180 25.54 -8.59 7.36
CA ASP G 180 26.14 -8.57 6.02
C ASP G 180 25.83 -9.81 5.18
N SER G 181 25.28 -10.87 5.78
CA SER G 181 24.82 -12.04 5.02
C SER G 181 24.03 -11.64 3.78
N GLY G 182 24.28 -12.34 2.69
CA GLY G 182 23.58 -12.15 1.43
C GLY G 182 24.21 -11.12 0.53
N GLY G 183 25.10 -10.29 1.05
CA GLY G 183 25.83 -9.36 0.21
C GLY G 183 26.86 -10.04 -0.68
N PRO G 184 27.31 -9.33 -1.71
CA PRO G 184 28.24 -9.91 -2.68
C PRO G 184 29.70 -9.81 -2.28
N LEU G 185 30.45 -10.79 -2.75
CA LEU G 185 31.90 -10.74 -2.85
C LEU G 185 32.22 -10.32 -4.28
N LEU G 186 32.84 -9.15 -4.45
CA LEU G 186 33.08 -8.54 -5.74
C LEU G 186 34.57 -8.65 -6.06
N CYS G 187 34.88 -9.31 -7.17
CA CYS G 187 36.25 -9.56 -7.60
C CYS G 187 36.31 -9.13 -9.04
N ASN G 188 37.05 -8.04 -9.31
CA ASN G 188 37.13 -7.46 -10.64
C ASN G 188 35.74 -7.19 -11.19
N ASN G 189 34.91 -6.56 -10.37
CA ASN G 189 33.57 -6.07 -10.74
C ASN G 189 32.63 -7.20 -11.18
N VAL G 190 32.85 -8.41 -10.68
CA VAL G 190 31.93 -9.51 -10.87
C VAL G 190 31.64 -10.08 -9.49
N ALA G 191 30.40 -10.52 -9.27
CA ALA G 191 29.97 -11.01 -7.96
C ALA G 191 30.20 -12.51 -7.90
N HIS G 192 31.31 -12.91 -7.28
CA HIS G 192 31.69 -14.31 -7.16
C HIS G 192 31.07 -15.03 -5.98
N GLY G 193 30.75 -14.29 -4.93
CA GLY G 193 30.36 -14.92 -3.68
C GLY G 193 29.18 -14.21 -3.02
N ILE G 194 28.59 -14.93 -2.09
CA ILE G 194 27.53 -14.40 -1.23
C ILE G 194 27.95 -14.66 0.22
N VAL G 195 27.95 -13.61 1.03
CA VAL G 195 28.31 -13.76 2.46
C VAL G 195 27.38 -14.78 3.10
N SER G 196 27.96 -15.80 3.74
CA SER G 196 27.15 -16.88 4.29
C SER G 196 27.38 -17.03 5.79
N TYR G 197 28.54 -17.51 6.23
CA TYR G 197 28.72 -17.77 7.66
C TYR G 197 30.16 -17.66 8.10
N GLY G 198 30.32 -17.66 9.43
CA GLY G 198 31.64 -17.60 10.02
C GLY G 198 31.56 -17.92 11.48
N LYS G 199 32.45 -17.35 12.28
CA LYS G 199 32.41 -17.48 13.73
C LYS G 199 31.67 -16.30 14.36
N SER G 200 31.01 -16.55 15.49
CA SER G 200 30.33 -15.44 16.14
C SER G 200 31.29 -14.33 16.55
N SER G 201 32.60 -14.64 16.65
CA SER G 201 33.59 -13.61 16.99
C SER G 201 33.82 -12.63 15.85
N GLY G 202 33.51 -13.05 14.63
CA GLY G 202 33.72 -12.22 13.46
C GLY G 202 35.12 -12.40 12.90
N VAL G 203 35.90 -13.29 13.51
CA VAL G 203 37.26 -13.55 13.08
C VAL G 203 37.30 -14.37 11.79
N PRO G 204 38.22 -14.01 10.88
CA PRO G 204 38.40 -14.69 9.59
C PRO G 204 39.14 -16.01 9.77
N PRO G 205 38.99 -16.95 8.82
CA PRO G 205 38.31 -16.72 7.55
C PRO G 205 36.82 -17.06 7.61
N GLU G 206 36.05 -16.56 6.65
CA GLU G 206 34.61 -16.83 6.61
C GLU G 206 34.25 -17.60 5.34
N VAL G 207 33.02 -18.11 5.29
CA VAL G 207 32.57 -18.94 4.18
C VAL G 207 31.53 -18.16 3.38
N PHE G 208 31.76 -18.10 2.06
CA PHE G 208 30.88 -17.47 1.10
C PHE G 208 30.33 -18.53 0.15
N THR G 209 29.07 -18.36 -0.28
CA THR G 209 28.55 -19.21 -1.34
C THR G 209 29.26 -18.88 -2.65
N ARG G 210 29.68 -19.90 -3.39
CA ARG G 210 30.31 -19.69 -4.70
C ARG G 210 29.25 -19.55 -5.80
N VAL G 211 28.99 -18.32 -6.25
CA VAL G 211 27.91 -18.08 -7.21
C VAL G 211 28.05 -18.93 -8.45
N SER G 212 29.28 -19.11 -8.94
CA SER G 212 29.42 -19.77 -10.24
C SER G 212 28.97 -21.23 -10.21
N SER G 213 28.89 -21.84 -9.03
CA SER G 213 28.46 -23.21 -8.91
C SER G 213 26.96 -23.33 -9.11
N PHE G 214 26.25 -22.19 -9.13
CA PHE G 214 24.80 -22.16 -9.16
C PHE G 214 24.22 -21.47 -10.39
N LEU G 215 25.01 -21.19 -11.41
CA LEU G 215 24.47 -20.46 -12.56
C LEU G 215 23.35 -21.19 -13.30
N PRO G 216 23.42 -22.50 -13.53
CA PRO G 216 22.26 -23.18 -14.17
C PRO G 216 20.98 -22.96 -13.40
N TRP G 217 21.05 -23.11 -12.07
CA TRP G 217 19.86 -22.91 -11.23
C TRP G 217 19.41 -21.46 -11.28
N ILE G 218 20.35 -20.53 -11.24
CA ILE G 218 19.98 -19.10 -11.26
C ILE G 218 19.25 -18.78 -12.55
N ARG G 219 19.81 -19.22 -13.68
CA ARG G 219 19.22 -18.87 -14.97
C ARG G 219 17.87 -19.54 -15.14
N THR G 220 17.73 -20.78 -14.70
CA THR G 220 16.44 -21.45 -14.82
C THR G 220 15.39 -20.80 -13.94
N THR G 221 15.74 -20.47 -12.70
CA THR G 221 14.78 -19.83 -11.81
C THR G 221 14.30 -18.50 -12.36
N MET G 222 15.17 -17.74 -13.03
CA MET G 222 14.79 -16.41 -13.47
C MET G 222 13.95 -16.45 -14.75
N ARG G 223 13.80 -17.61 -15.36
CA ARG G 223 13.06 -17.74 -16.61
C ARG G 223 11.57 -17.80 -16.33
N LYS H 2 7.62 -1.34 22.27
CA LYS H 2 8.24 -2.63 21.99
C LYS H 2 9.71 -2.59 22.41
N HIS H 3 10.23 -3.72 22.86
CA HIS H 3 11.64 -3.84 23.23
C HIS H 3 12.29 -4.81 22.26
N THR H 4 13.36 -4.36 21.64
CA THR H 4 14.09 -5.14 20.65
C THR H 4 15.33 -5.73 21.30
N VAL H 5 15.47 -7.04 21.18
CA VAL H 5 16.54 -7.79 21.81
C VAL H 5 17.32 -8.55 20.75
N PRO H 6 18.51 -8.08 20.38
CA PRO H 6 19.33 -8.84 19.44
C PRO H 6 19.80 -10.16 20.01
N TYR H 7 19.93 -11.15 19.13
CA TYR H 7 20.42 -12.45 19.57
C TYR H 7 21.22 -13.09 18.45
N THR H 8 22.10 -14.01 18.84
CA THR H 8 22.98 -14.72 17.91
C THR H 8 22.85 -16.20 18.18
N ILE H 9 22.84 -16.98 17.12
CA ILE H 9 22.83 -18.43 17.20
C ILE H 9 24.14 -18.98 16.66
N SER H 10 24.82 -19.76 17.50
CA SER H 10 25.99 -20.53 17.11
C SER H 10 25.71 -22.00 17.31
N VAL H 11 25.80 -22.79 16.23
CA VAL H 11 25.55 -24.22 16.28
C VAL H 11 26.70 -24.93 15.61
N ASP H 12 27.32 -25.84 16.33
CA ASP H 12 28.45 -26.62 15.79
C ASP H 12 29.57 -25.68 15.38
N GLY H 13 29.75 -24.61 16.14
CA GLY H 13 30.85 -23.69 15.96
C GLY H 13 30.67 -22.67 14.87
N ILE H 14 29.52 -22.64 14.18
CA ILE H 14 29.33 -21.63 13.16
C ILE H 14 28.06 -20.82 13.35
N THR H 15 28.12 -19.59 12.83
CA THR H 15 27.07 -18.60 12.98
C THR H 15 26.78 -18.00 11.60
N ALA H 16 25.54 -18.16 11.14
CA ALA H 16 25.06 -17.43 9.96
C ALA H 16 25.15 -15.93 10.23
N LEU H 17 25.52 -15.16 9.21
CA LEU H 17 25.86 -13.76 9.40
C LEU H 17 24.72 -12.80 9.07
N HIS H 18 23.47 -13.24 9.22
CA HIS H 18 22.40 -12.29 9.30
C HIS H 18 22.40 -11.64 10.69
N ARG H 19 21.59 -10.60 10.83
CA ARG H 19 21.37 -9.96 12.13
C ARG H 19 19.92 -10.26 12.52
N THR H 20 19.72 -10.83 13.70
CA THR H 20 18.41 -11.28 14.14
C THR H 20 18.08 -10.67 15.50
N TYR H 21 16.79 -10.33 15.68
CA TYR H 21 16.30 -9.67 16.89
C TYR H 21 14.99 -10.33 17.31
N PHE H 22 14.74 -10.48 18.62
CA PHE H 22 13.41 -10.77 19.14
C PHE H 22 12.70 -9.45 19.45
N VAL H 23 11.38 -9.41 19.27
CA VAL H 23 10.60 -8.24 19.64
C VAL H 23 9.60 -8.63 20.74
N PHE H 24 9.65 -7.91 21.88
CA PHE H 24 8.75 -8.12 23.01
C PHE H 24 7.82 -6.92 23.18
N PRO H 25 6.50 -7.14 23.30
CA PRO H 25 5.61 -6.01 23.59
C PRO H 25 5.94 -5.36 24.93
N GLU H 26 5.79 -4.04 24.97
CA GLU H 26 6.05 -3.27 26.18
C GLU H 26 4.99 -3.60 27.23
N LYS H 29 5.20 -8.64 31.15
CA LYS H 29 5.83 -9.73 31.88
C LYS H 29 5.86 -11.02 31.06
N VAL H 30 7.01 -11.67 31.05
CA VAL H 30 7.20 -12.92 30.34
C VAL H 30 7.81 -13.93 31.30
N LEU H 31 7.40 -15.19 31.18
CA LEU H 31 8.03 -16.28 31.92
C LEU H 31 9.26 -16.77 31.18
N TYR H 32 10.24 -17.32 31.91
CA TYR H 32 11.44 -17.81 31.24
C TYR H 32 11.09 -18.89 30.23
N GLN H 33 10.06 -19.70 30.49
CA GLN H 33 9.72 -20.76 29.54
C GLN H 33 9.32 -20.19 28.19
N GLU H 34 8.81 -18.96 28.16
CA GLU H 34 8.49 -18.35 26.87
C GLU H 34 9.77 -18.00 26.12
N ILE H 35 10.81 -17.56 26.82
CA ILE H 35 12.09 -17.33 26.15
C ILE H 35 12.68 -18.67 25.73
N ASP H 36 12.63 -19.66 26.62
CA ASP H 36 13.10 -21.01 26.28
C ASP H 36 12.50 -21.46 24.96
N SER H 37 11.18 -21.37 24.84
CA SER H 37 10.47 -21.77 23.63
C SER H 37 10.92 -20.98 22.42
N LYS H 38 11.00 -19.65 22.54
CA LYS H 38 11.40 -18.84 21.40
C LYS H 38 12.80 -19.21 20.92
N VAL H 39 13.70 -19.50 21.87
CA VAL H 39 15.08 -19.89 21.54
C VAL H 39 15.09 -21.24 20.84
N LYS H 40 14.42 -22.24 21.41
CA LYS H 40 14.34 -23.55 20.76
C LYS H 40 13.66 -23.48 19.40
N ASN H 41 12.61 -22.66 19.26
CA ASN H 41 11.94 -22.54 17.96
C ASN H 41 12.86 -21.94 16.90
N GLU H 42 13.68 -20.93 17.27
CA GLU H 42 14.65 -20.38 16.32
C GLU H 42 15.79 -21.36 16.03
N LEU H 43 16.23 -22.13 17.04
CA LEU H 43 17.23 -23.16 16.75
C LEU H 43 16.71 -24.16 15.70
N ALA H 44 15.44 -24.51 15.79
CA ALA H 44 14.82 -25.43 14.85
C ALA H 44 14.66 -24.78 13.48
N SER H 45 14.07 -23.60 13.43
CA SER H 45 13.69 -23.01 12.16
C SER H 45 14.89 -22.41 11.43
N GLN H 46 15.89 -21.91 12.15
CA GLN H 46 17.08 -21.37 11.50
C GLN H 46 18.16 -22.41 11.22
N ARG H 47 18.40 -23.37 12.13
CA ARG H 47 19.53 -24.26 12.00
C ARG H 47 19.17 -25.73 12.10
N GLY H 48 17.88 -26.07 12.08
CA GLY H 48 17.46 -27.46 12.04
C GLY H 48 17.81 -28.25 13.27
N VAL H 49 17.95 -27.57 14.40
CA VAL H 49 18.32 -28.22 15.66
C VAL H 49 17.07 -28.86 16.24
N THR H 50 17.17 -30.14 16.56
CA THR H 50 16.08 -30.92 17.14
C THR H 50 16.23 -31.04 18.66
N THR H 51 15.14 -31.46 19.31
CA THR H 51 15.21 -31.78 20.74
C THR H 51 16.32 -32.77 21.05
N GLU H 52 16.51 -33.77 20.19
CA GLU H 52 17.54 -34.77 20.41
C GLU H 52 18.93 -34.15 20.35
N LYS H 53 19.17 -33.28 19.37
CA LYS H 53 20.44 -32.58 19.29
C LYS H 53 20.71 -31.76 20.55
N ILE H 54 19.69 -31.05 21.05
CA ILE H 54 19.87 -30.26 22.27
C ILE H 54 20.22 -31.16 23.43
N ASN H 55 19.45 -32.22 23.65
CA ASN H 55 19.61 -33.00 24.87
C ASN H 55 20.94 -33.74 24.91
N ASN H 56 21.56 -34.01 23.76
CA ASN H 56 22.80 -34.77 23.74
C ASN H 56 24.03 -33.89 23.52
N ALA H 57 23.86 -32.57 23.45
CA ALA H 57 24.98 -31.70 23.10
C ALA H 57 25.92 -31.53 24.29
N GLN H 58 27.20 -31.28 23.98
CA GLN H 58 28.12 -30.98 25.07
C GLN H 58 27.65 -29.76 25.84
N THR H 59 27.18 -28.75 25.11
CA THR H 59 26.64 -27.53 25.69
C THR H 59 25.42 -27.11 24.89
N ALA H 60 24.36 -26.72 25.58
CA ALA H 60 23.15 -26.21 24.94
C ALA H 60 22.60 -25.16 25.88
N THR H 61 22.91 -23.90 25.59
CA THR H 61 22.55 -22.81 26.50
C THR H 61 22.11 -21.59 25.73
N TYR H 62 21.38 -20.72 26.42
CA TYR H 62 21.29 -19.34 25.99
C TYR H 62 21.70 -18.48 27.17
N THR H 63 22.41 -17.41 26.89
CA THR H 63 22.91 -16.52 27.92
C THR H 63 22.27 -15.16 27.70
N LEU H 64 21.55 -14.69 28.72
CA LEU H 64 21.00 -13.34 28.72
C LEU H 64 22.05 -12.38 29.27
N THR H 65 22.47 -11.42 28.47
CA THR H 65 23.28 -10.32 28.97
C THR H 65 22.33 -9.22 29.39
N LEU H 66 22.32 -8.88 30.68
CA LEU H 66 21.40 -7.88 31.18
C LEU H 66 22.03 -6.50 31.09
N ASN H 67 21.18 -5.48 31.10
CA ASN H 67 21.67 -4.12 30.91
C ASN H 67 22.59 -3.65 32.03
N ASP H 68 22.57 -4.28 33.21
CA ASP H 68 23.48 -3.86 34.29
C ASP H 68 24.80 -4.64 34.30
N GLY H 69 25.05 -5.47 33.30
CA GLY H 69 26.29 -6.19 33.17
C GLY H 69 26.23 -7.64 33.65
N ASN H 70 25.22 -7.98 34.43
CA ASN H 70 25.03 -9.35 34.88
C ASN H 70 24.62 -10.24 33.71
N LYS H 71 24.78 -11.54 33.93
CA LYS H 71 24.44 -12.55 32.92
C LYS H 71 23.60 -13.64 33.57
N LYS H 72 22.66 -14.18 32.82
CA LYS H 72 21.91 -15.35 33.26
C LYS H 72 22.11 -16.43 32.22
N VAL H 73 22.76 -17.52 32.63
CA VAL H 73 23.03 -18.66 31.75
C VAL H 73 21.95 -19.70 31.98
N VAL H 74 21.20 -20.01 30.93
CA VAL H 74 20.08 -20.93 31.00
C VAL H 74 20.43 -22.19 30.20
N ASN H 75 20.31 -23.34 30.85
CA ASN H 75 20.53 -24.63 30.23
C ASN H 75 19.29 -25.02 29.42
N LEU H 76 19.46 -25.23 28.11
CA LEU H 76 18.29 -25.60 27.34
C LEU H 76 17.80 -27.01 27.62
N LYS H 77 18.58 -27.83 28.34
CA LYS H 77 18.13 -29.18 28.64
C LYS H 77 17.17 -29.22 29.81
N LYS H 78 17.35 -28.33 30.78
CA LYS H 78 16.46 -28.28 31.94
C LYS H 78 16.60 -26.91 32.60
N ASN H 79 15.49 -26.20 32.74
CA ASN H 79 15.48 -24.86 33.31
C ASN H 79 14.56 -24.86 34.52
N ASP H 80 15.13 -24.92 35.70
CA ASP H 80 14.32 -24.91 36.92
C ASP H 80 13.64 -23.57 37.16
N ASP H 81 14.01 -22.51 36.43
CA ASP H 81 13.34 -21.22 36.53
C ASP H 81 12.27 -21.01 35.46
N ALA H 82 11.83 -22.07 34.78
CA ALA H 82 10.92 -21.93 33.66
C ALA H 82 9.67 -21.13 34.01
N LYS H 83 9.19 -21.24 35.22
CA LYS H 83 7.92 -20.65 35.61
C LYS H 83 8.06 -19.31 36.32
N ASN H 84 9.27 -18.78 36.42
CA ASN H 84 9.45 -17.43 36.95
C ASN H 84 9.44 -16.39 35.83
N SER H 85 9.16 -15.16 36.21
CA SER H 85 9.01 -14.07 35.26
C SER H 85 10.34 -13.38 35.03
N ILE H 86 10.46 -12.75 33.87
CA ILE H 86 11.58 -11.87 33.56
C ILE H 86 11.03 -10.70 32.76
N ASP H 87 11.56 -9.50 33.04
CA ASP H 87 11.15 -8.29 32.35
C ASP H 87 12.05 -8.15 31.12
N PRO H 88 11.53 -8.38 29.90
CA PRO H 88 12.45 -8.38 28.75
C PRO H 88 13.16 -7.07 28.57
N SER H 89 12.65 -5.97 29.13
CA SER H 89 13.32 -4.68 29.02
C SER H 89 14.68 -4.66 29.74
N THR H 90 14.97 -5.62 30.61
CA THR H 90 16.29 -5.70 31.24
C THR H 90 17.33 -6.39 30.38
N ILE H 91 16.92 -6.97 29.25
CA ILE H 91 17.81 -7.82 28.46
C ILE H 91 18.47 -6.99 27.37
N LYS H 92 19.79 -6.98 27.38
CA LYS H 92 20.52 -6.31 26.32
C LYS H 92 20.63 -7.20 25.09
N GLN H 93 21.05 -8.45 25.26
CA GLN H 93 21.22 -9.34 24.12
C GLN H 93 21.25 -10.78 24.62
N ILE H 94 21.11 -11.70 23.67
CA ILE H 94 21.04 -13.13 23.98
C ILE H 94 22.02 -13.88 23.09
N GLN H 95 22.83 -14.73 23.70
CA GLN H 95 23.80 -15.56 22.99
C GLN H 95 23.36 -17.02 23.13
N ILE H 96 22.98 -17.63 22.01
CA ILE H 96 22.50 -19.00 21.96
C ILE H 96 23.60 -19.88 21.38
N VAL H 97 23.94 -20.95 22.11
CA VAL H 97 25.04 -21.84 21.76
C VAL H 97 24.62 -23.30 21.90
N VAL H 98 24.79 -24.05 20.82
CA VAL H 98 24.60 -25.49 20.84
C VAL H 98 25.85 -26.12 20.23
N LYS H 99 26.57 -26.88 21.04
CA LYS H 99 27.66 -27.75 20.61
C LYS H 99 28.91 -26.94 20.40
#